data_5THA
#
_entry.id   5THA
#
_cell.length_a   58.198
_cell.length_b   125.253
_cell.length_c   60.889
_cell.angle_alpha   90.000
_cell.angle_beta   117.100
_cell.angle_gamma   90.000
#
_symmetry.space_group_name_H-M   'P 1 21 1'
#
loop_
_entity.id
_entity.type
_entity.pdbx_description
1 polymer 'Gem-associated protein 5'
2 non-polymer 'UNKNOWN ATOM OR ION'
3 non-polymer "DIGUANOSINE-5'-TRIPHOSPHATE"
4 water water
#
_entity_poly.entity_id   1
_entity_poly.type   'polypeptide(L)'
_entity_poly.pdbx_seq_one_letter_code
;MGSSHHHHHHSSGLVPRGSMGQEPRTLPPSPNWYCARCSDAVPGGLFGFAARTSVFLVRVGPGAGESPGTPPFRVIGELV
GHTERVSGFTFSHHPGQYNLCATSSDDGTVKIWDVETKTVVTEHALHQHTISTLHWSPRVKDLIVSGDEKGVVFCYWFNR
NDSQHLFIEPRTIFCLTCSPHHEDLVAIGYKDGIVVIIDISKKGEVIHRLRGHDDEIHSIAWCPLPGEDCLSINQEETSE
EAEITNGNAVAQAPVTKGCYLATGSKDQTIRIWSCSRGRGVMILKLPFLKRRGGGIDPTVKERLWLTLHWPSNQPTQLVS
SCFGGELLQWDLTQSWRRKYTLFSASSEGQNHSRIVFNLCPLQTEDDKQLLLSTSMDRDVKCWDIATLECSWTLPSLGGF
AYSLAFSSVDIGSLAIGVGDGMIRVWNTLSIKNNYDVKNFWQGVKSKVTALCWHPTKEGCLAFGTDDGKVGLYDTYSNKP
PQISSTYHKKTVYTLAWGPPVPPMSLGGEGDRPSLALYSCGGEGIVLQHNPWKLSGEAFDINKLIRDTNSIKYKLPVHTE
ISWKADGKIMALGNEDGSIEIFQIPNLKLICTIQQHHKLVNTISWHHEHGSQPELSYLMASGSNNAVIYVHNLKTVIESS
PESPVTITEPYRTLSGHTAKITSVAWSPHHDGRLVSASYDGTAQVWDALREEPLCNFRGHQGRLLCVAWSPLDPDCIYSG
ADDFCVHKWLTSMQDHSRPPQGKKSIELEKKRLSQPKA
;
_entity_poly.pdbx_strand_id   A
#
# COMPACT_ATOMS: atom_id res chain seq x y z
N GLN A 22 12.38 -17.12 -0.43
CA GLN A 22 13.88 -17.00 -0.27
C GLN A 22 14.34 -15.60 0.25
N GLU A 23 13.77 -14.50 -0.28
CA GLU A 23 13.99 -13.14 0.29
C GLU A 23 12.65 -12.44 0.66
N PRO A 24 12.68 -11.54 1.66
CA PRO A 24 11.42 -10.85 2.06
C PRO A 24 10.94 -9.90 0.97
N ARG A 25 9.71 -9.43 1.08
CA ARG A 25 9.19 -8.43 0.16
C ARG A 25 8.24 -7.58 0.92
N THR A 26 8.12 -6.32 0.50
CA THR A 26 7.19 -5.37 1.10
C THR A 26 6.38 -4.71 -0.01
N LEU A 27 5.06 -4.83 0.07
CA LEU A 27 4.18 -4.05 -0.75
C LEU A 27 3.90 -2.79 0.06
N PRO A 28 4.45 -1.65 -0.37
CA PRO A 28 4.46 -0.47 0.49
C PRO A 28 3.22 0.41 0.38
N PRO A 29 3.07 1.38 1.29
CA PRO A 29 2.05 2.37 1.03
C PRO A 29 2.33 3.23 -0.21
N SER A 30 1.29 3.84 -0.74
CA SER A 30 1.43 4.57 -2.00
C SER A 30 2.22 5.88 -1.83
N PRO A 31 3.06 6.19 -2.83
CA PRO A 31 3.71 7.49 -2.87
C PRO A 31 2.67 8.63 -2.75
N ASN A 32 2.98 9.64 -1.93
CA ASN A 32 2.01 10.72 -1.67
C ASN A 32 1.73 11.55 -2.90
N TRP A 33 0.47 11.98 -3.02
CA TRP A 33 0.00 12.67 -4.21
C TRP A 33 0.15 14.19 -4.05
N TYR A 34 0.22 14.89 -5.18
CA TYR A 34 0.10 16.36 -5.24
C TYR A 34 1.22 17.08 -4.47
N CYS A 35 2.42 16.45 -4.39
CA CYS A 35 3.62 17.07 -3.81
C CYS A 35 4.67 17.22 -4.91
N ALA A 36 5.11 18.45 -5.12
CA ALA A 36 6.02 18.76 -6.20
C ALA A 36 7.37 18.02 -6.10
N ARG A 37 7.84 17.73 -4.89
CA ARG A 37 9.07 16.93 -4.75
C ARG A 37 8.93 16.13 -3.48
N CYS A 38 8.43 14.91 -3.61
CA CYS A 38 8.41 14.03 -2.43
C CYS A 38 9.02 12.67 -2.74
N SER A 39 9.96 12.67 -3.68
CA SER A 39 10.75 11.50 -4.01
C SER A 39 12.06 11.99 -4.63
N ASP A 40 13.12 11.22 -4.46
CA ASP A 40 14.41 11.58 -5.06
C ASP A 40 15.27 10.32 -5.15
N ALA A 41 16.37 10.40 -5.86
CA ALA A 41 17.30 9.30 -5.98
C ALA A 41 18.73 9.82 -6.11
N VAL A 42 19.68 9.02 -5.61
CA VAL A 42 21.10 9.27 -5.75
C VAL A 42 21.80 8.14 -6.52
N PRO A 43 22.99 8.41 -7.06
CA PRO A 43 23.65 7.44 -7.95
C PRO A 43 24.01 6.13 -7.29
N GLY A 44 24.04 5.05 -8.09
CA GLY A 44 24.46 3.70 -7.60
C GLY A 44 23.37 2.63 -7.81
N GLY A 45 22.20 2.78 -7.18
CA GLY A 45 21.90 3.88 -6.28
C GLY A 45 20.66 3.58 -5.45
N LEU A 46 20.06 4.64 -4.93
CA LEU A 46 19.03 4.54 -3.94
C LEU A 46 17.95 5.51 -4.28
N PHE A 47 16.70 5.05 -4.20
CA PHE A 47 15.47 5.84 -4.47
C PHE A 47 14.70 5.92 -3.15
N GLY A 48 14.21 7.11 -2.85
CA GLY A 48 13.41 7.32 -1.62
C GLY A 48 12.11 7.95 -2.06
N PHE A 49 11.01 7.50 -1.46
CA PHE A 49 9.67 8.09 -1.72
C PHE A 49 8.85 8.31 -0.47
N ALA A 50 8.28 9.51 -0.33
CA ALA A 50 7.35 9.78 0.79
C ALA A 50 6.03 9.05 0.57
N ALA A 51 5.55 8.38 1.62
CA ALA A 51 4.29 7.65 1.57
C ALA A 51 3.72 7.66 2.94
N ARG A 52 2.52 8.22 3.09
CA ARG A 52 1.90 8.50 4.38
C ARG A 52 2.87 9.30 5.26
N THR A 53 3.29 8.74 6.42
CA THR A 53 4.09 9.48 7.40
C THR A 53 5.57 9.03 7.35
N SER A 54 5.94 8.25 6.33
CA SER A 54 7.30 7.69 6.19
C SER A 54 7.96 8.13 4.88
N VAL A 55 9.25 7.85 4.80
CA VAL A 55 9.95 7.69 3.50
C VAL A 55 10.41 6.25 3.36
N PHE A 56 10.04 5.62 2.26
CA PHE A 56 10.52 4.30 1.88
C PHE A 56 11.72 4.37 0.95
N LEU A 57 12.67 3.48 1.20
CA LEU A 57 13.93 3.42 0.50
C LEU A 57 14.03 2.13 -0.32
N VAL A 58 14.42 2.27 -1.58
CA VAL A 58 14.53 1.19 -2.56
C VAL A 58 15.93 1.22 -3.15
N ARG A 59 16.70 0.15 -2.94
CA ARG A 59 17.96 -0.01 -3.64
C ARG A 59 17.67 -0.41 -5.08
N VAL A 60 18.30 0.28 -6.02
CA VAL A 60 18.19 -0.03 -7.43
C VAL A 60 19.57 -0.29 -8.07
N GLY A 61 19.63 -1.31 -8.95
CA GLY A 61 20.87 -1.69 -9.69
C GLY A 61 21.52 -2.97 -9.14
N PRO A 62 22.80 -3.19 -9.48
CA PRO A 62 23.53 -4.40 -9.03
C PRO A 62 23.56 -4.57 -7.53
N GLY A 63 23.60 -3.44 -6.79
CA GLY A 63 23.56 -3.45 -5.31
C GLY A 63 22.33 -4.07 -4.69
N ALA A 64 21.24 -4.17 -5.44
CA ALA A 64 20.01 -4.86 -4.94
C ALA A 64 20.23 -6.37 -4.81
N GLY A 65 21.19 -6.91 -5.58
CA GLY A 65 21.56 -8.33 -5.51
C GLY A 65 20.49 -9.30 -6.02
N GLU A 66 19.75 -8.89 -7.06
CA GLU A 66 18.74 -9.75 -7.68
C GLU A 66 19.34 -10.56 -8.85
N SER A 67 18.72 -11.72 -9.12
CA SER A 67 19.06 -12.60 -10.27
C SER A 67 18.91 -11.89 -11.62
N PRO A 68 19.69 -12.32 -12.64
CA PRO A 68 19.53 -11.72 -14.00
C PRO A 68 18.13 -11.90 -14.58
N GLY A 69 17.58 -10.85 -15.21
CA GLY A 69 16.22 -10.87 -15.72
C GLY A 69 15.15 -10.46 -14.71
N THR A 70 15.34 -10.82 -13.42
CA THR A 70 14.48 -10.30 -12.31
C THR A 70 14.79 -8.83 -12.04
N PRO A 71 13.75 -7.99 -11.77
CA PRO A 71 14.10 -6.58 -11.74
C PRO A 71 15.12 -6.26 -10.65
N PRO A 72 16.18 -5.52 -11.00
CA PRO A 72 17.23 -5.19 -10.05
C PRO A 72 16.79 -4.06 -9.06
N PHE A 73 15.86 -4.39 -8.17
CA PHE A 73 15.47 -3.49 -7.08
C PHE A 73 15.00 -4.24 -5.85
N ARG A 74 15.13 -3.58 -4.72
CA ARG A 74 14.72 -4.13 -3.45
C ARG A 74 14.29 -3.03 -2.52
N VAL A 75 13.12 -3.18 -1.92
CA VAL A 75 12.67 -2.30 -0.87
C VAL A 75 13.50 -2.60 0.39
N ILE A 76 14.24 -1.63 0.92
CA ILE A 76 15.27 -1.91 1.96
C ILE A 76 15.14 -1.20 3.28
N GLY A 77 14.29 -0.19 3.41
CA GLY A 77 14.20 0.49 4.69
C GLY A 77 13.16 1.58 4.71
N GLU A 78 12.98 2.16 5.88
CA GLU A 78 11.98 3.22 6.09
C GLU A 78 12.51 4.29 7.02
N LEU A 79 12.28 5.57 6.68
CA LEU A 79 12.54 6.67 7.62
C LEU A 79 11.32 6.97 8.43
N VAL A 80 11.37 6.62 9.71
CA VAL A 80 10.24 6.67 10.64
C VAL A 80 10.48 7.74 11.68
N GLY A 81 9.48 8.59 11.92
CA GLY A 81 9.59 9.65 12.95
C GLY A 81 8.61 10.79 12.78
N HIS A 82 8.27 11.14 11.52
CA HIS A 82 7.20 12.11 11.32
C HIS A 82 5.85 11.56 11.80
N THR A 83 5.03 12.46 12.33
CA THR A 83 3.70 12.11 12.87
C THR A 83 2.51 12.50 11.99
N GLU A 84 2.81 13.15 10.87
CA GLU A 84 1.79 13.52 9.88
CA GLU A 84 1.81 13.49 9.88
C GLU A 84 2.42 13.35 8.49
N ARG A 85 1.56 13.41 7.47
CA ARG A 85 1.93 13.31 6.03
C ARG A 85 3.30 13.92 5.72
N VAL A 86 4.13 13.16 5.04
CA VAL A 86 5.40 13.68 4.55
C VAL A 86 5.14 14.37 3.22
N SER A 87 5.45 15.65 3.18
CA SER A 87 5.15 16.51 2.02
C SER A 87 6.30 16.77 1.06
N GLY A 88 7.50 16.49 1.52
CA GLY A 88 8.71 16.73 0.73
C GLY A 88 9.84 15.78 1.11
N PHE A 89 10.67 15.49 0.12
CA PHE A 89 11.84 14.64 0.28
C PHE A 89 12.89 15.03 -0.74
N THR A 90 14.16 15.07 -0.30
CA THR A 90 15.25 15.50 -1.14
C THR A 90 16.52 14.87 -0.56
N PHE A 91 17.30 14.21 -1.40
CA PHE A 91 18.62 13.74 -0.97
C PHE A 91 19.59 14.91 -1.09
N SER A 92 20.67 14.83 -0.33
CA SER A 92 21.88 15.51 -0.69
C SER A 92 22.53 14.91 -1.94
N HIS A 93 22.97 15.77 -2.86
CA HIS A 93 23.70 15.31 -4.05
C HIS A 93 25.20 15.71 -4.04
N HIS A 94 25.75 15.75 -2.86
CA HIS A 94 27.14 16.11 -2.67
C HIS A 94 27.91 14.81 -2.52
N PRO A 95 28.88 14.54 -3.43
CA PRO A 95 29.74 13.33 -3.28
C PRO A 95 30.24 13.16 -1.85
N GLY A 96 30.15 11.95 -1.35
CA GLY A 96 30.51 11.62 0.04
C GLY A 96 29.39 11.72 1.05
N GLN A 97 28.28 12.40 0.68
CA GLN A 97 27.14 12.61 1.58
C GLN A 97 25.81 12.31 0.87
N TYR A 98 25.85 11.34 -0.06
CA TYR A 98 24.62 10.88 -0.70
C TYR A 98 23.74 10.13 0.30
N ASN A 99 24.29 9.79 1.46
CA ASN A 99 23.53 9.20 2.56
C ASN A 99 22.69 10.21 3.37
N LEU A 100 22.86 11.50 3.15
CA LEU A 100 22.09 12.49 3.85
C LEU A 100 20.87 12.84 3.00
N CYS A 101 19.78 13.16 3.69
CA CYS A 101 18.55 13.62 3.04
C CYS A 101 17.70 14.42 4.01
N ALA A 102 16.65 15.09 3.47
CA ALA A 102 15.75 15.94 4.26
C ALA A 102 14.29 15.70 3.86
N THR A 103 13.42 15.82 4.83
CA THR A 103 11.97 15.74 4.67
C THR A 103 11.30 16.95 5.26
N SER A 104 10.13 17.23 4.72
CA SER A 104 9.16 18.17 5.33
C SER A 104 7.90 17.40 5.62
N SER A 105 7.14 17.89 6.58
CA SER A 105 5.90 17.23 6.99
C SER A 105 4.83 18.19 7.46
N ASP A 106 3.58 17.72 7.36
CA ASP A 106 2.44 18.40 7.97
C ASP A 106 2.53 18.51 9.54
N ASP A 107 3.47 17.79 10.15
CA ASP A 107 3.75 17.94 11.59
C ASP A 107 4.50 19.21 11.90
N GLY A 108 4.88 19.98 10.88
CA GLY A 108 5.54 21.26 11.11
C GLY A 108 7.05 21.16 11.13
N THR A 109 7.64 19.98 10.92
CA THR A 109 9.08 19.86 10.97
C THR A 109 9.78 19.60 9.64
N VAL A 110 11.04 20.04 9.59
CA VAL A 110 12.00 19.74 8.55
C VAL A 110 13.08 18.91 9.26
N LYS A 111 13.30 17.69 8.81
CA LYS A 111 14.29 16.79 9.45
C LYS A 111 15.41 16.43 8.46
N ILE A 112 16.63 16.27 9.01
CA ILE A 112 17.78 15.84 8.27
C ILE A 112 18.03 14.41 8.75
N TRP A 113 18.16 13.47 7.81
CA TRP A 113 18.30 12.06 8.11
C TRP A 113 19.62 11.50 7.56
N ASP A 114 20.11 10.44 8.20
CA ASP A 114 21.22 9.65 7.69
C ASP A 114 20.61 8.33 7.30
N VAL A 115 20.60 7.98 6.01
CA VAL A 115 19.91 6.72 5.60
C VAL A 115 20.70 5.46 5.97
N GLU A 116 21.98 5.61 6.30
CA GLU A 116 22.78 4.47 6.76
C GLU A 116 22.28 3.99 8.11
N THR A 117 21.91 4.92 9.02
CA THR A 117 21.34 4.55 10.31
C THR A 117 19.83 4.74 10.39
N LYS A 118 19.21 5.33 9.39
CA LYS A 118 17.75 5.64 9.43
C LYS A 118 17.36 6.46 10.66
N THR A 119 18.22 7.42 11.02
CA THR A 119 17.98 8.27 12.17
C THR A 119 18.08 9.71 11.77
N VAL A 120 17.43 10.54 12.58
CA VAL A 120 17.46 11.98 12.43
C VAL A 120 18.78 12.55 12.92
N VAL A 121 19.45 13.37 12.10
CA VAL A 121 20.69 14.05 12.47
C VAL A 121 20.34 15.28 13.27
N THR A 122 19.44 16.08 12.70
CA THR A 122 18.92 17.24 13.35
C THR A 122 17.62 17.64 12.64
N GLU A 123 16.95 18.65 13.17
CA GLU A 123 15.66 19.12 12.61
C GLU A 123 15.31 20.53 13.08
N HIS A 124 14.35 21.15 12.40
CA HIS A 124 13.77 22.42 12.87
C HIS A 124 12.26 22.41 12.74
N ALA A 125 11.66 23.33 13.49
CA ALA A 125 10.24 23.59 13.51
C ALA A 125 9.98 25.08 13.30
N LEU A 126 10.73 25.69 12.40
CA LEU A 126 10.65 27.13 12.16
C LEU A 126 9.38 27.55 11.42
N HIS A 127 8.87 26.68 10.56
CA HIS A 127 7.64 27.01 9.84
C HIS A 127 6.42 27.06 10.80
N GLN A 128 5.50 27.96 10.50
CA GLN A 128 4.24 28.08 11.26
C GLN A 128 3.02 27.81 10.42
N HIS A 129 3.22 27.52 9.12
CA HIS A 129 2.13 27.17 8.22
C HIS A 129 2.54 25.92 7.47
N THR A 130 1.57 25.17 6.96
CA THR A 130 1.80 23.90 6.24
C THR A 130 2.89 24.05 5.17
N ILE A 131 3.91 23.23 5.29
CA ILE A 131 5.04 23.28 4.42
C ILE A 131 4.64 22.69 3.05
N SER A 132 5.09 23.33 2.01
CA SER A 132 4.83 22.87 0.65
C SER A 132 5.87 21.89 0.12
N THR A 133 7.13 22.24 0.25
CA THR A 133 8.22 21.46 -0.36
C THR A 133 9.57 21.91 0.21
N LEU A 134 10.61 21.19 -0.15
CA LEU A 134 11.95 21.60 0.21
C LEU A 134 12.94 21.04 -0.81
N HIS A 135 14.15 21.60 -0.79
CA HIS A 135 15.19 21.18 -1.73
C HIS A 135 16.59 21.33 -1.10
N TRP A 136 17.41 20.34 -1.28
CA TRP A 136 18.81 20.37 -0.79
C TRP A 136 19.62 21.06 -1.86
N SER A 137 20.34 22.12 -1.48
CA SER A 137 21.16 22.87 -2.46
C SER A 137 22.19 21.96 -3.18
N PRO A 138 22.26 22.04 -4.51
CA PRO A 138 23.29 21.36 -5.27
C PRO A 138 24.70 21.91 -5.01
N ARG A 139 24.79 23.16 -4.51
CA ARG A 139 26.09 23.87 -4.36
C ARG A 139 26.60 24.01 -2.96
N VAL A 140 25.70 24.13 -1.99
CA VAL A 140 26.10 24.30 -0.58
C VAL A 140 25.82 23.02 0.20
N LYS A 141 26.86 22.44 0.81
CA LYS A 141 26.74 21.06 1.36
C LYS A 141 25.68 20.84 2.45
N ASP A 142 25.43 21.85 3.28
CA ASP A 142 24.45 21.73 4.34
C ASP A 142 23.21 22.63 4.24
N LEU A 143 22.97 23.23 3.06
CA LEU A 143 21.83 24.15 2.87
C LEU A 143 20.59 23.41 2.36
N ILE A 144 19.50 23.45 3.15
CA ILE A 144 18.18 22.99 2.79
C ILE A 144 17.22 24.20 2.76
N VAL A 145 16.56 24.41 1.62
CA VAL A 145 15.59 25.50 1.48
C VAL A 145 14.18 24.93 1.43
N SER A 146 13.29 25.46 2.28
CA SER A 146 11.92 25.00 2.40
C SER A 146 10.95 26.15 2.22
N GLY A 147 9.75 25.84 1.77
CA GLY A 147 8.73 26.90 1.51
C GLY A 147 7.36 26.45 1.92
N ASP A 148 6.49 27.39 2.38
CA ASP A 148 5.20 27.02 2.92
C ASP A 148 4.02 27.67 2.22
N GLU A 149 2.83 27.30 2.68
CA GLU A 149 1.56 27.70 2.09
CA GLU A 149 1.61 27.71 2.03
C GLU A 149 1.27 29.20 2.18
N LYS A 150 1.95 29.90 3.08
CA LYS A 150 1.75 31.38 3.23
C LYS A 150 2.84 32.14 2.54
N GLY A 151 3.81 31.43 1.98
CA GLY A 151 4.89 32.04 1.21
C GLY A 151 6.17 32.24 1.96
N VAL A 152 6.24 31.74 3.19
CA VAL A 152 7.42 31.87 3.99
C VAL A 152 8.46 30.82 3.51
N VAL A 153 9.69 31.27 3.33
CA VAL A 153 10.80 30.45 2.93
C VAL A 153 11.82 30.39 4.09
N PHE A 154 12.33 29.21 4.45
CA PHE A 154 13.47 29.10 5.36
C PHE A 154 14.70 28.52 4.69
N CYS A 155 15.83 29.21 4.85
CA CYS A 155 17.13 28.69 4.50
C CYS A 155 17.70 28.11 5.76
N TYR A 156 18.11 26.85 5.70
CA TYR A 156 18.62 26.14 6.87
C TYR A 156 19.98 25.54 6.56
N TRP A 157 21.03 26.04 7.22
CA TRP A 157 22.40 25.52 7.08
C TRP A 157 22.54 24.61 8.29
N PHE A 158 22.21 23.33 8.11
CA PHE A 158 21.93 22.41 9.24
C PHE A 158 23.19 22.14 10.04
N ASN A 159 24.35 22.22 9.39
CA ASN A 159 25.59 21.75 9.99
C ASN A 159 26.40 22.90 10.58
N ARG A 160 25.81 24.09 10.68
CA ARG A 160 26.36 25.19 11.48
C ARG A 160 25.29 25.85 12.36
N ASN A 161 24.18 25.16 12.52
CA ASN A 161 23.05 25.70 13.26
C ASN A 161 22.68 27.14 12.96
N ASP A 162 22.46 27.45 11.67
CA ASP A 162 22.01 28.78 11.24
CA ASP A 162 21.98 28.77 11.26
C ASP A 162 20.78 28.64 10.31
N SER A 163 19.94 29.66 10.32
CA SER A 163 18.77 29.72 9.47
C SER A 163 18.44 31.16 9.17
N GLN A 164 17.72 31.37 8.09
CA GLN A 164 17.20 32.68 7.73
C GLN A 164 15.80 32.49 7.12
N HIS A 165 14.86 33.33 7.54
CA HIS A 165 13.55 33.38 6.90
C HIS A 165 13.63 34.43 5.82
N LEU A 166 12.91 34.17 4.77
CA LEU A 166 12.71 35.06 3.64
C LEU A 166 11.19 35.05 3.31
N PHE A 167 10.71 36.13 2.72
CA PHE A 167 9.32 36.30 2.37
C PHE A 167 9.29 37.09 1.12
N ILE A 168 8.78 36.48 0.07
CA ILE A 168 8.92 37.03 -1.23
C ILE A 168 7.60 37.59 -1.59
N GLU A 169 6.61 36.74 -1.79
CA GLU A 169 5.27 37.17 -2.08
C GLU A 169 4.22 36.42 -1.28
N PRO A 170 3.10 37.11 -0.95
CA PRO A 170 2.07 36.50 -0.14
C PRO A 170 1.20 35.56 -0.98
N ARG A 171 1.74 34.39 -1.30
CA ARG A 171 1.05 33.42 -2.16
C ARG A 171 1.54 32.05 -1.76
N THR A 172 0.73 31.04 -2.05
CA THR A 172 1.05 29.66 -1.71
C THR A 172 2.18 29.10 -2.58
N ILE A 173 3.26 28.68 -1.95
CA ILE A 173 4.37 28.06 -2.67
C ILE A 173 3.94 26.63 -3.07
N PHE A 174 4.20 26.30 -4.31
CA PHE A 174 4.00 24.91 -4.82
C PHE A 174 5.30 24.21 -5.02
N CYS A 175 6.28 24.89 -5.60
CA CYS A 175 7.58 24.24 -5.86
C CYS A 175 8.72 25.19 -5.72
N LEU A 176 9.91 24.62 -5.52
CA LEU A 176 11.13 25.39 -5.29
CA LEU A 176 11.12 25.42 -5.48
C LEU A 176 12.31 24.54 -5.78
N THR A 177 13.25 25.14 -6.51
CA THR A 177 14.44 24.43 -7.02
C THR A 177 15.65 25.39 -6.97
N CYS A 178 16.61 25.12 -6.09
CA CYS A 178 17.90 25.78 -6.07
C CYS A 178 18.67 25.54 -7.38
N SER A 179 19.34 26.57 -7.84
CA SER A 179 20.15 26.50 -9.02
C SER A 179 21.32 25.49 -8.84
N PRO A 180 21.59 24.70 -9.87
CA PRO A 180 22.77 23.80 -9.83
C PRO A 180 24.10 24.57 -10.01
N HIS A 181 24.04 25.80 -10.51
CA HIS A 181 25.24 26.55 -10.89
C HIS A 181 25.60 27.68 -9.93
N HIS A 182 24.58 28.36 -9.40
CA HIS A 182 24.81 29.54 -8.54
CA HIS A 182 24.79 29.53 -8.56
C HIS A 182 24.21 29.29 -7.15
N GLU A 183 25.10 29.23 -6.15
CA GLU A 183 24.74 28.94 -4.76
C GLU A 183 23.66 29.85 -4.11
N ASP A 184 23.57 31.09 -4.54
CA ASP A 184 22.59 32.02 -4.02
C ASP A 184 21.22 32.06 -4.70
N LEU A 185 21.06 31.38 -5.84
CA LEU A 185 19.86 31.57 -6.65
C LEU A 185 18.90 30.40 -6.47
N VAL A 186 17.62 30.74 -6.25
CA VAL A 186 16.56 29.74 -6.01
C VAL A 186 15.36 30.18 -6.83
N ALA A 187 14.73 29.23 -7.51
CA ALA A 187 13.50 29.50 -8.29
C ALA A 187 12.34 28.97 -7.50
N ILE A 188 11.25 29.74 -7.46
CA ILE A 188 10.06 29.42 -6.71
C ILE A 188 8.85 29.58 -7.61
N GLY A 189 7.94 28.61 -7.56
CA GLY A 189 6.70 28.63 -8.31
C GLY A 189 5.52 28.57 -7.40
N TYR A 190 4.52 29.39 -7.71
CA TYR A 190 3.34 29.57 -6.90
C TYR A 190 2.03 28.95 -7.48
N LYS A 191 1.08 28.81 -6.58
CA LYS A 191 -0.25 28.29 -6.87
C LYS A 191 -0.97 29.04 -8.02
N ASP A 192 -0.68 30.34 -8.16
CA ASP A 192 -1.31 31.18 -9.16
C ASP A 192 -0.57 31.32 -10.46
N GLY A 193 0.59 30.64 -10.60
CA GLY A 193 1.34 30.66 -11.84
C GLY A 193 2.56 31.58 -11.83
N ILE A 194 2.73 32.40 -10.77
CA ILE A 194 3.91 33.20 -10.63
C ILE A 194 5.19 32.33 -10.43
N VAL A 195 6.22 32.67 -11.17
CA VAL A 195 7.54 32.10 -10.99
C VAL A 195 8.55 33.24 -10.76
N VAL A 196 9.42 33.09 -9.77
CA VAL A 196 10.47 34.07 -9.46
C VAL A 196 11.81 33.36 -9.26
N ILE A 197 12.89 34.06 -9.59
CA ILE A 197 14.25 33.68 -9.21
C ILE A 197 14.72 34.70 -8.19
N ILE A 198 15.11 34.21 -7.00
CA ILE A 198 15.49 35.07 -5.88
C ILE A 198 16.93 34.81 -5.53
N ASP A 199 17.55 35.81 -4.90
CA ASP A 199 18.91 35.75 -4.40
C ASP A 199 18.87 35.71 -2.86
N ILE A 200 19.19 34.54 -2.31
CA ILE A 200 19.07 34.32 -0.89
C ILE A 200 20.12 35.09 -0.08
N SER A 201 21.16 35.57 -0.74
CA SER A 201 22.19 36.43 -0.11
C SER A 201 21.80 37.92 -0.02
N LYS A 202 20.73 38.30 -0.70
CA LYS A 202 20.20 39.67 -0.69
C LYS A 202 18.74 39.69 -0.18
N LYS A 203 18.52 39.03 0.96
CA LYS A 203 17.19 38.95 1.61
C LYS A 203 16.05 38.41 0.71
N GLY A 204 16.41 37.58 -0.27
CA GLY A 204 15.45 36.99 -1.20
C GLY A 204 14.97 37.92 -2.28
N GLU A 205 15.69 39.02 -2.52
CA GLU A 205 15.36 39.92 -3.62
C GLU A 205 15.04 39.15 -4.91
N VAL A 206 13.95 39.54 -5.59
CA VAL A 206 13.57 38.94 -6.86
C VAL A 206 14.48 39.47 -7.93
N ILE A 207 15.27 38.58 -8.51
CA ILE A 207 16.21 38.90 -9.61
C ILE A 207 15.51 38.83 -10.97
N HIS A 208 14.61 37.86 -11.14
CA HIS A 208 13.83 37.75 -12.39
C HIS A 208 12.43 37.32 -12.00
N ARG A 209 11.45 38.04 -12.52
CA ARG A 209 10.06 37.64 -12.37
C ARG A 209 9.66 37.07 -13.73
N LEU A 210 9.26 35.80 -13.75
CA LEU A 210 9.00 35.12 -14.99
C LEU A 210 7.50 35.01 -15.17
N ARG A 211 6.97 35.85 -16.07
CA ARG A 211 5.53 36.09 -16.25
C ARG A 211 5.08 35.30 -17.45
N GLY A 212 4.07 34.47 -17.28
CA GLY A 212 3.55 33.69 -18.43
C GLY A 212 2.51 32.66 -18.04
N HIS A 213 2.80 31.86 -17.04
CA HIS A 213 1.84 30.82 -16.65
C HIS A 213 0.58 31.42 -15.98
N ASP A 214 -0.58 30.79 -16.12
CA ASP A 214 -1.80 31.29 -15.47
C ASP A 214 -2.48 30.27 -14.57
N ASP A 215 -1.72 29.26 -14.11
CA ASP A 215 -2.23 28.31 -13.10
C ASP A 215 -1.01 27.66 -12.38
N GLU A 216 -1.28 26.79 -11.44
CA GLU A 216 -0.28 26.21 -10.52
C GLU A 216 1.00 25.81 -11.25
N ILE A 217 2.12 26.16 -10.67
CA ILE A 217 3.43 25.68 -11.11
C ILE A 217 3.71 24.36 -10.38
N HIS A 218 3.99 23.30 -11.15
CA HIS A 218 4.18 21.96 -10.59
C HIS A 218 5.63 21.56 -10.47
N SER A 219 6.51 22.20 -11.25
CA SER A 219 7.89 21.75 -11.39
CA SER A 219 7.89 21.75 -11.39
C SER A 219 8.77 22.83 -12.04
N ILE A 220 9.99 22.96 -11.52
CA ILE A 220 10.99 23.84 -12.09
C ILE A 220 12.29 23.08 -12.19
N ALA A 221 12.84 23.06 -13.39
CA ALA A 221 14.09 22.40 -13.68
C ALA A 221 15.02 23.40 -14.35
N TRP A 222 16.21 23.55 -13.78
CA TRP A 222 17.21 24.35 -14.40
C TRP A 222 17.95 23.58 -15.52
N CYS A 223 18.37 24.30 -16.56
CA CYS A 223 19.20 23.65 -17.62
C CYS A 223 20.49 23.22 -16.94
N PRO A 224 20.90 21.95 -17.14
CA PRO A 224 22.03 21.44 -16.36
C PRO A 224 23.44 21.92 -16.80
N LEU A 225 23.53 22.63 -17.93
CA LEU A 225 24.76 23.32 -18.33
C LEU A 225 24.58 24.79 -18.06
N PRO A 226 25.66 25.53 -17.65
CA PRO A 226 25.52 26.98 -17.39
C PRO A 226 25.59 27.82 -18.68
N GLY A 227 25.06 29.05 -18.64
CA GLY A 227 25.08 29.94 -19.82
C GLY A 227 24.03 29.62 -20.89
N GLU A 228 23.99 30.47 -21.92
CA GLU A 228 22.92 30.43 -22.94
C GLU A 228 23.51 30.43 -24.34
CA GLY A 258 23.06 33.60 -17.69
C GLY A 258 22.64 32.18 -17.33
N CYS A 259 21.40 31.82 -17.71
CA CYS A 259 20.84 30.44 -17.50
C CYS A 259 19.59 30.21 -18.32
N TYR A 260 19.27 28.93 -18.53
CA TYR A 260 17.92 28.50 -18.91
C TYR A 260 17.24 27.74 -17.71
N LEU A 261 15.93 27.91 -17.59
CA LEU A 261 15.04 27.30 -16.59
CA LEU A 261 15.16 27.04 -16.74
C LEU A 261 13.82 26.78 -17.38
N ALA A 262 13.27 25.63 -17.03
CA ALA A 262 12.01 25.15 -17.58
C ALA A 262 11.01 25.04 -16.44
N THR A 263 9.76 25.42 -16.73
CA THR A 263 8.66 25.31 -15.77
C THR A 263 7.47 24.54 -16.35
N GLY A 264 6.83 23.71 -15.51
CA GLY A 264 5.70 22.93 -15.87
C GLY A 264 4.49 23.35 -15.01
N SER A 265 3.30 23.42 -15.64
CA SER A 265 2.12 23.98 -15.00
C SER A 265 0.83 23.23 -15.31
N LYS A 266 -0.11 23.37 -14.38
CA LYS A 266 -1.48 22.94 -14.53
C LYS A 266 -2.14 23.58 -15.76
N ASP A 267 -1.60 24.68 -16.23
CA ASP A 267 -2.06 25.33 -17.50
C ASP A 267 -1.70 24.60 -18.80
N GLN A 268 -1.03 23.46 -18.66
CA GLN A 268 -0.78 22.51 -19.72
C GLN A 268 0.33 22.97 -20.63
N THR A 269 1.14 23.87 -20.15
CA THR A 269 2.30 24.33 -20.87
C THR A 269 3.59 24.06 -20.11
N ILE A 270 4.65 23.82 -20.88
CA ILE A 270 6.04 23.88 -20.41
C ILE A 270 6.65 25.14 -21.02
N ARG A 271 7.25 26.00 -20.18
CA ARG A 271 7.86 27.23 -20.64
C ARG A 271 9.33 27.18 -20.32
N ILE A 272 10.14 27.53 -21.32
CA ILE A 272 11.60 27.58 -21.16
C ILE A 272 11.97 29.05 -21.12
N TRP A 273 12.75 29.44 -20.13
CA TRP A 273 13.02 30.84 -19.85
C TRP A 273 14.50 31.13 -19.91
N SER A 274 14.82 32.39 -20.21
CA SER A 274 16.19 32.92 -20.20
C SER A 274 16.41 33.83 -18.97
N CYS A 275 17.53 33.67 -18.26
CA CYS A 275 17.94 34.65 -17.20
C CYS A 275 18.53 35.93 -17.81
N SER A 276 19.43 35.79 -18.78
CA SER A 276 19.96 36.94 -19.55
C SER A 276 18.82 37.89 -19.96
N ARG A 277 17.83 37.35 -20.66
CA ARG A 277 16.64 38.12 -21.15
C ARG A 277 15.50 38.30 -20.10
N GLY A 278 15.48 37.47 -19.04
CA GLY A 278 14.38 37.46 -18.04
C GLY A 278 13.01 37.20 -18.67
N ARG A 279 12.99 36.35 -19.70
CA ARG A 279 11.84 36.26 -20.62
C ARG A 279 11.72 34.86 -21.21
N GLY A 280 10.51 34.55 -21.69
CA GLY A 280 10.20 33.25 -22.28
C GLY A 280 10.92 33.13 -23.58
N VAL A 281 11.50 31.96 -23.84
CA VAL A 281 12.11 31.69 -25.15
C VAL A 281 11.43 30.54 -25.87
N MET A 282 10.55 29.79 -25.20
CA MET A 282 9.89 28.64 -25.84
C MET A 282 8.70 28.24 -24.98
N ILE A 283 7.52 28.06 -25.59
CA ILE A 283 6.32 27.57 -24.92
C ILE A 283 5.97 26.29 -25.62
N LEU A 284 5.85 25.21 -24.84
CA LEU A 284 5.40 23.88 -25.37
C LEU A 284 4.07 23.47 -24.76
N LYS A 285 3.02 23.43 -25.58
CA LYS A 285 1.74 22.91 -25.15
C LYS A 285 1.78 21.41 -25.18
N LEU A 286 1.27 20.78 -24.13
CA LEU A 286 1.09 19.32 -24.09
C LEU A 286 0.22 18.84 -25.25
N PRO A 287 0.59 17.70 -25.87
CA PRO A 287 -0.26 17.12 -26.90
C PRO A 287 -1.44 16.38 -26.33
N PHE A 288 -2.47 16.23 -27.17
CA PHE A 288 -3.64 15.42 -26.84
C PHE A 288 -3.50 14.10 -27.55
N LEU A 289 -3.42 13.03 -26.77
CA LEU A 289 -3.12 11.67 -27.23
C LEU A 289 -4.24 10.79 -26.75
N LYS A 290 -4.52 9.72 -27.51
CA LYS A 290 -5.56 8.76 -27.14
C LYS A 290 -5.17 8.03 -25.87
N ARG A 291 -6.17 7.71 -25.04
CA ARG A 291 -5.96 7.00 -23.77
C ARG A 291 -5.57 5.54 -24.06
N ARG A 292 -4.52 5.07 -23.38
CA ARG A 292 -3.98 3.74 -23.58
C ARG A 292 -4.08 2.90 -22.31
N GLY A 293 -4.14 1.58 -22.49
CA GLY A 293 -4.25 0.63 -21.38
C GLY A 293 -5.69 0.40 -21.02
N GLY A 294 -5.92 -0.49 -20.04
CA GLY A 294 -7.26 -0.85 -19.59
C GLY A 294 -8.08 0.36 -19.16
N GLY A 295 -9.40 0.27 -19.34
CA GLY A 295 -10.32 1.33 -18.95
C GLY A 295 -10.22 1.56 -17.45
N ILE A 296 -10.01 2.82 -17.05
CA ILE A 296 -9.89 3.21 -15.64
C ILE A 296 -11.26 3.60 -15.12
N ASP A 297 -11.37 3.69 -13.80
CA ASP A 297 -12.59 4.12 -13.11
C ASP A 297 -12.99 5.55 -13.57
N PRO A 298 -14.03 5.65 -14.41
CA PRO A 298 -14.70 6.85 -14.93
C PRO A 298 -15.11 7.84 -13.82
N THR A 299 -15.45 7.33 -12.63
CA THR A 299 -15.88 8.17 -11.49
C THR A 299 -14.79 9.13 -10.94
N VAL A 300 -13.51 8.74 -11.03
CA VAL A 300 -12.42 9.52 -10.40
C VAL A 300 -12.12 10.86 -11.12
N LYS A 301 -12.05 11.95 -10.34
CA LYS A 301 -11.73 13.28 -10.85
C LYS A 301 -10.21 13.48 -10.89
N GLU A 302 -9.69 13.89 -12.04
CA GLU A 302 -8.23 14.02 -12.23
C GLU A 302 -7.88 15.09 -13.29
N ARG A 303 -7.41 16.24 -12.82
CA ARG A 303 -6.73 17.21 -13.65
C ARG A 303 -5.23 16.84 -13.80
N LEU A 304 -4.58 17.58 -14.66
CA LEU A 304 -3.20 17.44 -14.97
C LEU A 304 -2.22 17.72 -13.79
N TRP A 305 -1.16 16.91 -13.70
CA TRP A 305 0.07 17.30 -12.99
C TRP A 305 1.21 17.24 -14.04
N LEU A 306 1.92 18.34 -14.20
CA LEU A 306 2.94 18.49 -15.22
C LEU A 306 4.31 18.65 -14.56
N THR A 307 5.01 17.52 -14.42
CA THR A 307 6.37 17.54 -13.80
C THR A 307 7.45 17.32 -14.84
N LEU A 308 8.70 17.65 -14.47
CA LEU A 308 9.81 17.77 -15.45
C LEU A 308 11.05 17.06 -14.93
N HIS A 309 11.86 16.58 -15.86
CA HIS A 309 13.22 16.10 -15.61
C HIS A 309 14.08 16.58 -16.78
N TRP A 310 15.11 17.38 -16.50
CA TRP A 310 16.01 17.92 -17.51
C TRP A 310 17.34 17.13 -17.41
N PRO A 311 17.58 16.16 -18.29
CA PRO A 311 18.73 15.27 -18.02
C PRO A 311 20.08 15.96 -18.19
N SER A 312 20.94 15.81 -17.17
CA SER A 312 22.35 16.27 -17.21
C SER A 312 23.14 15.72 -18.41
N ASN A 313 22.89 14.47 -18.72
CA ASN A 313 23.56 13.78 -19.83
CA ASN A 313 23.53 13.74 -19.84
C ASN A 313 23.14 14.27 -21.24
N GLN A 314 21.93 14.82 -21.36
CA GLN A 314 21.38 15.22 -22.66
C GLN A 314 20.62 16.55 -22.60
N PRO A 315 21.33 17.68 -22.53
CA PRO A 315 20.68 18.97 -22.37
C PRO A 315 19.74 19.43 -23.50
N THR A 316 19.79 18.78 -24.67
CA THR A 316 18.81 19.07 -25.74
C THR A 316 17.50 18.26 -25.62
N GLN A 317 17.38 17.46 -24.56
CA GLN A 317 16.19 16.69 -24.30
C GLN A 317 15.58 17.16 -22.97
N LEU A 318 14.25 17.04 -22.88
CA LEU A 318 13.53 17.41 -21.67
C LEU A 318 12.41 16.43 -21.50
N VAL A 319 12.34 15.77 -20.33
CA VAL A 319 11.28 14.77 -20.10
C VAL A 319 10.17 15.45 -19.30
N SER A 320 8.91 15.23 -19.71
CA SER A 320 7.75 15.71 -18.96
C SER A 320 6.72 14.62 -18.76
N SER A 321 5.84 14.83 -17.77
CA SER A 321 4.62 14.08 -17.66
C SER A 321 3.60 14.72 -18.59
N CYS A 322 2.45 14.10 -18.71
CA CYS A 322 1.40 14.57 -19.66
C CYS A 322 0.07 14.07 -19.13
N PHE A 323 -1.02 14.47 -19.81
CA PHE A 323 -2.37 13.99 -19.42
C PHE A 323 -2.34 12.46 -19.29
N GLY A 324 -3.03 11.98 -18.27
CA GLY A 324 -3.17 10.55 -18.06
C GLY A 324 -1.91 9.80 -17.61
N GLY A 325 -0.82 10.53 -17.34
CA GLY A 325 0.42 9.89 -16.84
C GLY A 325 1.34 9.39 -17.92
N GLU A 326 1.03 9.71 -19.18
CA GLU A 326 1.98 9.42 -20.25
C GLU A 326 3.24 10.23 -20.00
N LEU A 327 4.41 9.68 -20.39
CA LEU A 327 5.65 10.43 -20.32
C LEU A 327 6.15 10.79 -21.71
N LEU A 328 6.71 11.98 -21.82
CA LEU A 328 7.24 12.49 -23.08
C LEU A 328 8.70 12.84 -22.99
N GLN A 329 9.46 12.48 -24.04
CA GLN A 329 10.80 13.03 -24.24
C GLN A 329 10.77 14.07 -25.32
N TRP A 330 10.92 15.32 -24.92
CA TRP A 330 10.93 16.46 -25.83
C TRP A 330 12.31 16.67 -26.49
N ASP A 331 12.31 17.07 -27.76
CA ASP A 331 13.53 17.38 -28.46
C ASP A 331 13.58 18.87 -28.57
N LEU A 332 14.44 19.49 -27.77
CA LEU A 332 14.52 20.94 -27.71
C LEU A 332 15.24 21.56 -28.90
N THR A 333 15.94 20.74 -29.71
CA THR A 333 16.53 21.24 -31.00
C THR A 333 15.43 21.63 -32.01
N GLN A 334 14.38 20.80 -32.10
CA GLN A 334 13.22 21.06 -32.97
C GLN A 334 12.18 21.91 -32.19
N SER A 335 12.58 23.15 -31.88
CA SER A 335 11.89 24.06 -30.93
C SER A 335 10.38 24.11 -31.05
N ARG A 337 8.92 23.09 -33.49
CA ARG A 337 7.83 22.26 -34.04
C ARG A 337 7.21 21.25 -33.03
N ARG A 338 7.36 21.49 -31.73
CA ARG A 338 6.74 20.63 -30.70
C ARG A 338 7.01 19.13 -30.97
N LYS A 339 8.27 18.77 -31.16
CA LYS A 339 8.65 17.34 -31.35
C LYS A 339 8.84 16.65 -30.00
N TYR A 340 8.21 15.50 -29.83
CA TYR A 340 8.39 14.64 -28.66
C TYR A 340 8.37 13.18 -29.08
N THR A 341 8.91 12.33 -28.20
CA THR A 341 8.78 10.89 -28.30
C THR A 341 8.07 10.40 -27.06
N LEU A 342 7.08 9.53 -27.28
CA LEU A 342 6.29 8.94 -26.21
C LEU A 342 7.03 7.78 -25.63
N PHE A 343 7.08 7.72 -24.30
CA PHE A 343 7.64 6.58 -23.59
C PHE A 343 6.69 5.40 -23.80
N SER A 344 7.25 4.20 -23.97
CA SER A 344 6.47 2.96 -24.07
C SER A 344 5.53 2.99 -25.30
N ALA A 345 5.95 3.65 -26.36
CA ALA A 345 5.12 3.86 -27.55
C ALA A 345 4.83 2.53 -28.26
N SER A 346 5.77 1.58 -28.17
CA SER A 346 5.66 0.25 -28.78
C SER A 346 4.85 -0.69 -27.90
N SER A 347 5.36 -0.95 -26.69
CA SER A 347 4.72 -1.91 -25.79
C SER A 347 3.35 -1.38 -25.34
N GLU A 348 2.38 -2.28 -25.20
CA GLU A 348 1.04 -1.94 -24.74
C GLU A 348 0.91 -2.21 -23.23
N GLY A 349 0.14 -1.38 -22.55
CA GLY A 349 -0.18 -1.59 -21.14
C GLY A 349 0.94 -1.39 -20.11
N GLN A 350 2.07 -0.78 -20.51
CA GLN A 350 3.15 -0.46 -19.54
C GLN A 350 3.17 0.99 -19.05
N ASN A 351 2.51 1.88 -19.78
CA ASN A 351 2.39 3.30 -19.33
C ASN A 351 1.56 3.41 -18.08
N HIS A 352 1.80 4.47 -17.29
CA HIS A 352 0.89 4.83 -16.22
C HIS A 352 -0.51 5.10 -16.77
N SER A 353 -1.51 4.93 -15.93
CA SER A 353 -2.93 5.14 -16.32
C SER A 353 -3.50 6.38 -15.71
N ARG A 354 -2.77 7.00 -14.77
CA ARG A 354 -3.17 8.28 -14.22
C ARG A 354 -1.94 9.16 -14.07
N ILE A 355 -2.20 10.43 -13.82
CA ILE A 355 -1.15 11.44 -13.70
C ILE A 355 0.10 11.04 -12.87
N VAL A 356 1.24 11.51 -13.36
CA VAL A 356 2.55 11.28 -12.76
C VAL A 356 2.90 12.58 -11.96
N PHE A 357 3.34 12.39 -10.74
CA PHE A 357 3.72 13.50 -9.87
C PHE A 357 5.20 13.85 -9.85
N ASN A 358 6.07 12.84 -9.74
CA ASN A 358 7.53 13.03 -9.62
C ASN A 358 8.29 12.13 -10.58
N LEU A 359 9.45 12.65 -11.06
CA LEU A 359 10.41 11.94 -11.91
C LEU A 359 11.80 12.11 -11.31
N CYS A 360 12.52 11.01 -11.11
CA CYS A 360 13.80 11.00 -10.41
C CYS A 360 14.79 10.21 -11.25
N PRO A 361 15.85 10.86 -11.75
CA PRO A 361 16.88 10.08 -12.49
C PRO A 361 17.79 9.32 -11.54
N LEU A 362 18.28 8.17 -12.02
CA LEU A 362 19.13 7.31 -11.21
C LEU A 362 20.11 6.65 -12.20
N GLN A 363 21.39 6.99 -12.10
CA GLN A 363 22.43 6.31 -12.88
C GLN A 363 23.00 5.16 -12.07
N THR A 364 22.84 3.91 -12.54
CA THR A 364 23.24 2.73 -11.72
C THR A 364 24.77 2.61 -11.78
N GLU A 365 25.35 1.87 -10.86
CA GLU A 365 26.82 1.67 -10.85
C GLU A 365 27.35 0.93 -12.08
N ASP A 366 26.52 0.11 -12.73
CA ASP A 366 26.85 -0.45 -14.08
C ASP A 366 26.38 0.47 -15.26
N ASP A 367 26.32 1.79 -15.00
CA ASP A 367 26.14 2.84 -16.03
C ASP A 367 24.80 2.85 -16.80
N LYS A 368 23.76 2.14 -16.34
CA LYS A 368 22.41 2.25 -16.95
C LYS A 368 21.77 3.61 -16.49
N GLN A 369 21.16 4.32 -17.44
CA GLN A 369 20.43 5.55 -17.20
C GLN A 369 18.98 5.19 -16.95
N LEU A 370 18.49 5.38 -15.72
CA LEU A 370 17.12 5.06 -15.37
C LEU A 370 16.38 6.30 -14.92
N LEU A 371 15.04 6.21 -14.94
CA LEU A 371 14.18 7.30 -14.48
C LEU A 371 13.01 6.70 -13.75
N LEU A 372 12.81 7.13 -12.51
CA LEU A 372 11.72 6.62 -11.69
C LEU A 372 10.55 7.59 -11.69
N SER A 373 9.35 7.05 -11.84
CA SER A 373 8.12 7.85 -11.83
C SER A 373 7.16 7.41 -10.74
N THR A 374 6.51 8.39 -10.09
CA THR A 374 5.44 8.13 -9.12
C THR A 374 4.12 8.68 -9.75
N SER A 375 3.00 8.11 -9.31
CA SER A 375 1.73 8.29 -10.01
C SER A 375 0.51 8.14 -9.11
N MET A 376 -0.54 8.86 -9.48
CA MET A 376 -1.85 8.63 -8.87
C MET A 376 -2.37 7.20 -9.06
N ASP A 377 -1.87 6.46 -10.05
CA ASP A 377 -2.27 5.08 -10.25
C ASP A 377 -1.69 4.11 -9.26
N ARG A 378 -0.86 4.60 -8.32
CA ARG A 378 -0.27 3.82 -7.21
C ARG A 378 0.87 2.88 -7.62
N ASP A 379 1.34 2.98 -8.87
CA ASP A 379 2.54 2.29 -9.30
C ASP A 379 3.74 3.24 -9.24
N VAL A 380 4.88 2.68 -8.83
CA VAL A 380 6.18 3.28 -9.11
C VAL A 380 6.75 2.56 -10.29
N LYS A 381 7.12 3.29 -11.32
CA LYS A 381 7.74 2.65 -12.51
C LYS A 381 9.17 3.13 -12.71
N CYS A 382 10.00 2.22 -13.22
CA CYS A 382 11.41 2.49 -13.53
C CYS A 382 11.55 2.35 -15.03
N TRP A 383 12.00 3.45 -15.67
CA TRP A 383 12.16 3.58 -17.13
C TRP A 383 13.63 3.51 -17.54
N ASP A 384 13.87 2.71 -18.57
CA ASP A 384 15.19 2.66 -19.20
C ASP A 384 15.23 3.76 -20.22
N ILE A 385 16.03 4.78 -19.94
CA ILE A 385 16.15 5.96 -20.82
C ILE A 385 16.66 5.63 -22.23
N ALA A 386 17.51 4.60 -22.34
CA ALA A 386 18.06 4.20 -23.67
C ALA A 386 16.98 3.77 -24.65
N THR A 387 15.98 3.06 -24.15
CA THR A 387 14.90 2.50 -24.93
C THR A 387 13.56 3.19 -24.71
N LEU A 388 13.44 3.98 -23.64
CA LEU A 388 12.15 4.55 -23.19
C LEU A 388 11.08 3.51 -22.85
N GLU A 389 11.47 2.26 -22.49
CA GLU A 389 10.53 1.23 -22.10
C GLU A 389 10.54 1.09 -20.60
N CYS A 390 9.46 0.54 -20.04
CA CYS A 390 9.37 0.34 -18.61
C CYS A 390 10.15 -0.92 -18.19
N SER A 391 11.18 -0.74 -17.36
CA SER A 391 12.00 -1.85 -16.89
CA SER A 391 12.02 -1.83 -16.88
C SER A 391 11.28 -2.67 -15.84
N TRP A 392 10.61 -2.00 -14.92
CA TRP A 392 9.87 -2.69 -13.89
C TRP A 392 8.85 -1.77 -13.23
N THR A 393 7.94 -2.38 -12.49
CA THR A 393 6.85 -1.71 -11.79
C THR A 393 6.77 -2.19 -10.35
N LEU A 394 6.69 -1.24 -9.39
CA LEU A 394 6.45 -1.57 -7.99
C LEU A 394 5.08 -1.03 -7.58
N PRO A 395 4.09 -1.94 -7.38
CA PRO A 395 2.73 -1.49 -6.98
C PRO A 395 2.68 -1.14 -5.51
N SER A 396 1.61 -0.46 -5.07
CA SER A 396 1.57 0.04 -3.71
C SER A 396 0.11 0.08 -3.27
N LEU A 397 -0.07 0.33 -1.97
CA LEU A 397 -1.42 0.31 -1.32
C LEU A 397 -1.81 1.63 -0.72
N GLY A 398 -3.06 2.02 -0.99
CA GLY A 398 -3.60 3.29 -0.50
C GLY A 398 -4.57 3.21 0.68
N GLY A 399 -4.64 2.03 1.33
CA GLY A 399 -5.50 1.86 2.49
C GLY A 399 -5.02 0.70 3.31
N PHE A 400 -5.75 0.39 4.38
CA PHE A 400 -5.35 -0.73 5.23
C PHE A 400 -5.39 -2.04 4.40
N ALA A 401 -4.50 -2.99 4.72
CA ALA A 401 -4.56 -4.36 4.17
C ALA A 401 -5.43 -5.19 5.12
N TYR A 402 -6.72 -5.31 4.80
CA TYR A 402 -7.69 -5.94 5.70
C TYR A 402 -7.72 -7.42 5.65
N SER A 403 -7.49 -7.97 4.46
CA SER A 403 -7.73 -9.37 4.20
CA SER A 403 -7.73 -9.38 4.20
C SER A 403 -6.72 -9.97 3.23
N LEU A 404 -6.28 -11.21 3.50
CA LEU A 404 -5.40 -11.97 2.62
C LEU A 404 -6.02 -13.34 2.37
N ALA A 405 -6.04 -13.78 1.12
CA ALA A 405 -6.55 -15.13 0.79
C ALA A 405 -5.76 -15.76 -0.35
N PHE A 406 -5.18 -16.94 -0.11
CA PHE A 406 -4.53 -17.72 -1.18
C PHE A 406 -5.52 -18.66 -1.85
N SER A 407 -5.47 -18.69 -3.18
CA SER A 407 -6.25 -19.59 -3.94
C SER A 407 -5.74 -21.04 -3.82
N SER A 408 -6.66 -21.98 -3.61
CA SER A 408 -6.32 -23.42 -3.64
CA SER A 408 -6.32 -23.42 -3.62
C SER A 408 -6.25 -23.97 -5.05
N VAL A 409 -6.72 -23.20 -6.05
CA VAL A 409 -6.82 -23.64 -7.42
C VAL A 409 -5.57 -23.24 -8.18
N ASP A 410 -5.21 -21.96 -8.07
CA ASP A 410 -4.00 -21.44 -8.70
C ASP A 410 -3.04 -21.11 -7.60
N ILE A 411 -2.05 -21.99 -7.40
CA ILE A 411 -1.19 -21.91 -6.24
C ILE A 411 -0.42 -20.58 -6.27
N GLY A 412 -0.33 -19.95 -5.12
CA GLY A 412 0.43 -18.68 -5.02
C GLY A 412 -0.37 -17.41 -5.37
N SER A 413 -1.58 -17.57 -5.93
CA SER A 413 -2.44 -16.43 -6.25
C SER A 413 -3.06 -15.84 -4.96
N LEU A 414 -2.58 -14.65 -4.59
CA LEU A 414 -2.90 -14.05 -3.30
C LEU A 414 -3.81 -12.85 -3.51
N ALA A 415 -5.09 -12.95 -3.07
CA ALA A 415 -5.99 -11.81 -3.11
C ALA A 415 -5.81 -10.96 -1.83
N ILE A 416 -5.84 -9.63 -2.00
CA ILE A 416 -5.64 -8.71 -0.91
C ILE A 416 -6.80 -7.72 -0.93
N GLY A 417 -7.47 -7.58 0.20
CA GLY A 417 -8.58 -6.65 0.32
C GLY A 417 -8.06 -5.39 0.96
N VAL A 418 -8.22 -4.25 0.28
CA VAL A 418 -7.56 -3.03 0.67
C VAL A 418 -8.57 -1.90 0.89
N GLY A 419 -8.23 -0.97 1.78
CA GLY A 419 -9.13 0.14 2.08
C GLY A 419 -9.22 1.27 1.07
N ASP A 420 -8.53 1.13 -0.06
CA ASP A 420 -8.62 2.10 -1.19
C ASP A 420 -9.59 1.68 -2.30
N GLY A 421 -10.44 0.69 -2.01
CA GLY A 421 -11.45 0.24 -2.95
C GLY A 421 -11.02 -0.52 -4.20
N MET A 422 -9.85 -1.16 -4.15
CA MET A 422 -9.46 -2.08 -5.19
C MET A 422 -8.99 -3.38 -4.54
N ILE A 423 -9.40 -4.50 -5.13
CA ILE A 423 -8.87 -5.81 -4.84
C ILE A 423 -7.56 -5.97 -5.57
N ARG A 424 -6.55 -6.50 -4.88
CA ARG A 424 -5.28 -6.86 -5.55
C ARG A 424 -5.26 -8.40 -5.68
N VAL A 425 -4.72 -8.89 -6.78
CA VAL A 425 -4.35 -10.32 -6.93
C VAL A 425 -2.86 -10.35 -7.27
N TRP A 426 -2.07 -10.79 -6.30
CA TRP A 426 -0.64 -10.87 -6.38
C TRP A 426 -0.29 -12.31 -6.81
N ASN A 427 0.29 -12.44 -8.00
CA ASN A 427 0.81 -13.74 -8.48
C ASN A 427 2.16 -13.91 -7.82
N THR A 428 2.14 -14.44 -6.61
CA THR A 428 3.33 -14.44 -5.75
C THR A 428 4.46 -15.29 -6.32
N LEU A 429 4.12 -16.26 -7.16
CA LEU A 429 5.12 -17.22 -7.65
C LEU A 429 5.60 -16.88 -9.04
N SER A 430 5.22 -15.69 -9.53
CA SER A 430 5.73 -15.20 -10.78
C SER A 430 7.28 -15.30 -10.82
N ILE A 431 7.84 -15.91 -11.87
CA ILE A 431 9.27 -16.23 -11.85
C ILE A 431 10.17 -15.03 -12.02
N LYS A 432 9.83 -14.15 -12.96
CA LYS A 432 10.67 -12.99 -13.28
C LYS A 432 10.17 -11.68 -12.64
N ASN A 433 9.14 -11.73 -11.78
CA ASN A 433 8.58 -10.50 -11.16
C ASN A 433 8.18 -10.78 -9.72
N ASN A 434 8.87 -10.15 -8.78
CA ASN A 434 8.60 -10.30 -7.34
C ASN A 434 7.28 -9.58 -6.92
N TYR A 435 6.77 -8.71 -7.79
CA TYR A 435 5.62 -7.88 -7.47
C TYR A 435 4.66 -7.83 -8.65
N ASP A 436 4.24 -9.02 -9.12
CA ASP A 436 3.27 -9.16 -10.21
C ASP A 436 1.82 -9.08 -9.61
N VAL A 437 1.26 -7.88 -9.65
CA VAL A 437 -0.01 -7.58 -9.00
C VAL A 437 -0.96 -6.99 -10.00
N LYS A 438 -2.17 -7.55 -10.04
CA LYS A 438 -3.28 -7.02 -10.86
C LYS A 438 -4.35 -6.39 -9.96
N ASN A 439 -4.93 -5.31 -10.46
CA ASN A 439 -5.93 -4.54 -9.75
C ASN A 439 -7.32 -4.78 -10.30
N PHE A 440 -8.31 -4.90 -9.39
CA PHE A 440 -9.70 -5.06 -9.75
C PHE A 440 -10.49 -4.02 -9.01
N TRP A 441 -11.10 -3.10 -9.77
CA TRP A 441 -11.81 -1.93 -9.23
C TRP A 441 -13.31 -1.93 -9.50
N GLN A 442 -13.74 -2.52 -10.61
CA GLN A 442 -15.16 -2.50 -11.02
C GLN A 442 -16.04 -3.06 -9.90
N GLY A 443 -17.07 -2.31 -9.53
CA GLY A 443 -18.07 -2.73 -8.58
C GLY A 443 -17.58 -2.88 -7.14
N VAL A 444 -16.41 -2.31 -6.82
CA VAL A 444 -15.84 -2.47 -5.48
C VAL A 444 -16.22 -1.21 -4.72
N LYS A 445 -15.53 -0.10 -4.97
CA LYS A 445 -16.01 1.28 -4.57
C LYS A 445 -16.17 1.56 -3.05
N SER A 446 -15.65 0.67 -2.23
CA SER A 446 -15.60 0.88 -0.79
C SER A 446 -14.51 -0.04 -0.26
N LYS A 447 -14.21 0.07 1.03
CA LYS A 447 -13.09 -0.64 1.62
C LYS A 447 -13.37 -2.15 1.58
N VAL A 448 -12.41 -2.94 1.09
CA VAL A 448 -12.61 -4.39 0.96
C VAL A 448 -12.12 -5.04 2.22
N THR A 449 -13.06 -5.44 3.08
CA THR A 449 -12.77 -5.90 4.40
C THR A 449 -12.75 -7.44 4.53
N ALA A 450 -13.16 -8.14 3.46
CA ALA A 450 -13.20 -9.62 3.46
C ALA A 450 -13.08 -10.14 2.04
N LEU A 451 -12.46 -11.32 1.92
CA LEU A 451 -12.25 -11.99 0.66
C LEU A 451 -12.25 -13.49 0.91
N CYS A 452 -12.67 -14.27 -0.08
CA CYS A 452 -12.51 -15.71 -0.01
C CYS A 452 -12.66 -16.32 -1.43
N TRP A 453 -11.59 -16.97 -1.88
CA TRP A 453 -11.60 -17.68 -3.14
C TRP A 453 -12.54 -18.90 -3.02
N HIS A 454 -13.19 -19.24 -4.11
CA HIS A 454 -13.94 -20.50 -4.21
C HIS A 454 -12.91 -21.63 -4.10
N PRO A 455 -13.28 -22.75 -3.44
CA PRO A 455 -12.37 -23.90 -3.24
C PRO A 455 -11.93 -24.65 -4.48
N THR A 456 -12.76 -24.68 -5.53
CA THR A 456 -12.43 -25.36 -6.78
C THR A 456 -12.57 -24.60 -8.12
N LYS A 457 -13.36 -23.53 -8.18
CA LYS A 457 -13.66 -22.88 -9.42
C LYS A 457 -12.59 -21.78 -9.64
N GLU A 458 -11.77 -21.96 -10.67
CA GLU A 458 -10.73 -20.99 -11.01
C GLU A 458 -11.28 -19.55 -11.19
N GLY A 459 -10.57 -18.58 -10.63
CA GLY A 459 -10.91 -17.19 -10.80
C GLY A 459 -12.13 -16.67 -10.04
N CYS A 460 -12.79 -17.51 -9.26
CA CYS A 460 -14.01 -17.12 -8.59
C CYS A 460 -13.67 -16.56 -7.20
N LEU A 461 -13.78 -15.24 -7.04
CA LEU A 461 -13.36 -14.58 -5.78
C LEU A 461 -14.57 -13.84 -5.13
N ALA A 462 -14.95 -14.26 -3.93
CA ALA A 462 -15.97 -13.55 -3.21
C ALA A 462 -15.31 -12.40 -2.44
N PHE A 463 -16.01 -11.30 -2.37
CA PHE A 463 -15.52 -10.14 -1.59
C PHE A 463 -16.65 -9.46 -0.79
N GLY A 464 -16.25 -8.75 0.27
CA GLY A 464 -17.16 -8.02 1.14
C GLY A 464 -16.58 -6.68 1.51
N THR A 465 -17.45 -5.72 1.78
CA THR A 465 -17.01 -4.33 2.00
C THR A 465 -17.45 -3.72 3.30
N ASP A 466 -16.83 -2.56 3.63
CA ASP A 466 -17.17 -1.86 4.87
CA ASP A 466 -17.15 -1.80 4.86
C ASP A 466 -18.60 -1.27 4.84
N ASP A 467 -19.20 -1.19 3.66
CA ASP A 467 -20.62 -0.76 3.54
C ASP A 467 -21.60 -1.92 3.43
N GLY A 468 -21.16 -3.13 3.77
CA GLY A 468 -22.06 -4.28 3.89
C GLY A 468 -22.33 -5.04 2.60
N LYS A 469 -21.58 -4.70 1.55
CA LYS A 469 -21.82 -5.26 0.23
C LYS A 469 -21.11 -6.58 0.09
N VAL A 470 -21.73 -7.51 -0.60
CA VAL A 470 -21.15 -8.82 -0.93
C VAL A 470 -21.17 -9.02 -2.45
N GLY A 471 -20.03 -9.39 -3.03
CA GLY A 471 -19.87 -9.52 -4.47
C GLY A 471 -19.07 -10.74 -4.83
N LEU A 472 -19.15 -11.14 -6.10
CA LEU A 472 -18.41 -12.26 -6.61
C LEU A 472 -17.74 -11.87 -7.92
N TYR A 473 -16.40 -11.85 -7.91
CA TYR A 473 -15.58 -11.61 -9.12
C TYR A 473 -15.29 -12.90 -9.90
N ASP A 474 -15.15 -12.74 -11.22
CA ASP A 474 -14.48 -13.71 -12.07
C ASP A 474 -13.22 -13.02 -12.50
N THR A 475 -12.11 -13.31 -11.82
CA THR A 475 -10.85 -12.63 -12.13
C THR A 475 -10.21 -13.07 -13.45
N TYR A 476 -10.70 -14.15 -14.06
CA TYR A 476 -10.24 -14.56 -15.40
C TYR A 476 -10.91 -13.74 -16.50
N SER A 477 -11.97 -12.99 -16.19
CA SER A 477 -12.67 -12.16 -17.17
C SER A 477 -12.43 -10.67 -16.90
N ASN A 478 -12.90 -9.86 -17.84
CA ASN A 478 -12.87 -8.41 -17.73
C ASN A 478 -14.25 -7.85 -17.25
N LYS A 479 -15.19 -8.74 -16.92
CA LYS A 479 -16.56 -8.36 -16.59
C LYS A 479 -16.65 -7.79 -15.16
N PRO A 480 -17.60 -6.88 -14.90
CA PRO A 480 -17.80 -6.37 -13.52
C PRO A 480 -18.37 -7.49 -12.63
N PRO A 481 -18.15 -7.41 -11.30
CA PRO A 481 -18.62 -8.49 -10.46
C PRO A 481 -20.14 -8.57 -10.30
N GLN A 482 -20.64 -9.73 -9.94
CA GLN A 482 -22.02 -9.84 -9.49
C GLN A 482 -22.09 -9.32 -8.10
N ILE A 483 -23.19 -8.65 -7.76
CA ILE A 483 -23.42 -8.08 -6.44
C ILE A 483 -24.68 -8.71 -5.81
N SER A 484 -24.58 -9.10 -4.54
CA SER A 484 -25.75 -9.50 -3.74
C SER A 484 -26.74 -8.38 -3.58
N SER A 485 -28.03 -8.65 -3.88
CA SER A 485 -29.11 -7.66 -3.60
C SER A 485 -29.31 -7.40 -2.14
N THR A 486 -29.02 -8.38 -1.30
CA THR A 486 -29.14 -8.21 0.11
C THR A 486 -27.79 -7.69 0.61
N TYR A 487 -27.85 -6.61 1.40
CA TYR A 487 -26.69 -6.02 2.06
C TYR A 487 -26.70 -6.31 3.52
N HIS A 488 -25.52 -6.37 4.13
CA HIS A 488 -25.43 -6.33 5.59
C HIS A 488 -25.59 -4.90 6.06
N LYS A 489 -26.16 -4.70 7.24
CA LYS A 489 -26.26 -3.36 7.83
CA LYS A 489 -26.26 -3.35 7.85
C LYS A 489 -24.89 -2.72 8.11
N LYS A 490 -23.90 -3.57 8.44
CA LYS A 490 -22.57 -3.13 8.78
C LYS A 490 -21.52 -3.90 7.97
N THR A 491 -20.28 -3.59 8.28
CA THR A 491 -19.12 -4.16 7.62
C THR A 491 -19.17 -5.70 7.46
N VAL A 492 -18.79 -6.21 6.29
CA VAL A 492 -18.64 -7.62 6.10
C VAL A 492 -17.30 -8.03 6.65
N TYR A 493 -17.30 -8.79 7.75
CA TYR A 493 -16.07 -9.24 8.35
C TYR A 493 -15.50 -10.58 7.85
N THR A 494 -16.34 -11.45 7.35
CA THR A 494 -15.95 -12.78 6.95
C THR A 494 -16.78 -13.28 5.82
N LEU A 495 -16.11 -13.99 4.91
CA LEU A 495 -16.77 -14.78 3.85
C LEU A 495 -16.25 -16.21 3.92
N ALA A 496 -17.14 -17.15 3.72
CA ALA A 496 -16.78 -18.58 3.70
C ALA A 496 -17.70 -19.36 2.79
N TRP A 497 -17.15 -20.38 2.15
CA TRP A 497 -17.92 -21.28 1.27
C TRP A 497 -18.24 -22.52 2.03
N GLY A 498 -19.43 -23.02 1.86
CA GLY A 498 -19.78 -24.33 2.45
C GLY A 498 -20.99 -24.93 1.82
N PRO A 499 -21.43 -26.07 2.34
CA PRO A 499 -22.61 -26.67 1.73
C PRO A 499 -23.83 -25.84 1.97
N PRO A 500 -24.81 -25.90 1.05
CA PRO A 500 -26.06 -25.20 1.30
C PRO A 500 -26.83 -25.83 2.45
N VAL A 501 -27.63 -25.02 3.13
CA VAL A 501 -28.53 -25.50 4.18
C VAL A 501 -29.90 -24.97 3.90
N PRO A 502 -30.95 -25.62 4.48
CA PRO A 502 -32.26 -25.08 4.18
C PRO A 502 -32.43 -23.66 4.60
N PRO A 503 -33.19 -22.87 3.85
CA PRO A 503 -34.05 -23.33 2.71
C PRO A 503 -33.39 -23.27 1.32
N MET A 504 -32.07 -23.14 1.26
CA MET A 504 -31.37 -23.02 -0.04
C MET A 504 -31.48 -24.29 -0.86
N SER A 505 -31.84 -24.12 -2.13
CA SER A 505 -31.68 -25.13 -3.19
C SER A 505 -30.76 -24.53 -4.29
N LEU A 506 -29.57 -25.13 -4.49
CA LEU A 506 -28.58 -24.61 -5.45
N SER A 514 -21.29 -28.54 -5.22
CA SER A 514 -21.95 -27.25 -5.34
C SER A 514 -22.12 -26.57 -3.95
N LEU A 515 -21.61 -25.35 -3.83
CA LEU A 515 -21.42 -24.67 -2.55
C LEU A 515 -22.22 -23.37 -2.47
N ALA A 516 -22.66 -23.04 -1.26
CA ALA A 516 -23.23 -21.72 -0.92
C ALA A 516 -22.13 -20.79 -0.43
N LEU A 517 -22.37 -19.50 -0.59
CA LEU A 517 -21.52 -18.47 0.01
C LEU A 517 -22.13 -17.92 1.30
N TYR A 518 -21.35 -17.89 2.38
CA TYR A 518 -21.82 -17.41 3.67
C TYR A 518 -21.11 -16.07 3.99
N SER A 519 -21.85 -15.07 4.41
CA SER A 519 -21.24 -13.78 4.76
C SER A 519 -21.66 -13.32 6.15
N CYS A 520 -20.71 -12.81 6.94
CA CYS A 520 -20.99 -12.39 8.31
C CYS A 520 -20.75 -10.90 8.41
N GLY A 521 -21.78 -10.16 8.83
CA GLY A 521 -21.64 -8.68 9.03
C GLY A 521 -21.52 -8.24 10.47
N GLY A 522 -21.02 -7.01 10.70
CA GLY A 522 -20.78 -6.59 12.06
C GLY A 522 -22.03 -6.44 12.92
N GLU A 523 -23.17 -6.27 12.26
CA GLU A 523 -24.49 -6.27 12.95
C GLU A 523 -24.86 -7.62 13.58
N GLY A 524 -24.22 -8.69 13.12
CA GLY A 524 -24.39 -9.98 13.75
C GLY A 524 -25.12 -11.03 12.95
N ILE A 525 -25.46 -10.74 11.70
CA ILE A 525 -26.21 -11.71 10.86
C ILE A 525 -25.26 -12.44 9.90
N VAL A 526 -25.44 -13.74 9.80
CA VAL A 526 -24.85 -14.51 8.75
C VAL A 526 -25.89 -14.78 7.65
N LEU A 527 -25.56 -14.33 6.42
CA LEU A 527 -26.39 -14.59 5.21
C LEU A 527 -25.84 -15.73 4.41
N GLN A 528 -26.76 -16.53 3.86
CA GLN A 528 -26.47 -17.57 2.91
C GLN A 528 -26.91 -17.13 1.52
N HIS A 529 -25.95 -17.07 0.60
CA HIS A 529 -26.14 -16.63 -0.76
C HIS A 529 -25.99 -17.79 -1.74
N ASN A 530 -26.78 -17.70 -2.80
CA ASN A 530 -26.60 -18.57 -3.97
C ASN A 530 -25.64 -17.89 -4.93
N PRO A 531 -24.43 -18.48 -5.13
CA PRO A 531 -23.40 -17.83 -5.95
C PRO A 531 -23.78 -17.77 -7.44
N TRP A 532 -24.70 -18.64 -7.87
CA TRP A 532 -25.30 -18.56 -9.22
C TRP A 532 -26.42 -17.51 -9.35
N LYS A 533 -27.13 -17.20 -8.27
CA LYS A 533 -28.20 -16.17 -8.28
C LYS A 533 -28.02 -15.12 -7.17
N LEU A 534 -26.94 -14.35 -7.29
CA LEU A 534 -26.61 -13.37 -6.26
C LEU A 534 -27.62 -12.28 -6.09
N SER A 535 -28.28 -11.92 -7.19
CA SER A 535 -29.26 -10.85 -7.15
C SER A 535 -30.62 -11.36 -6.61
N GLY A 536 -30.77 -12.67 -6.50
CA GLY A 536 -31.92 -13.27 -5.81
C GLY A 536 -31.85 -13.17 -4.29
N GLU A 537 -32.61 -14.06 -3.63
CA GLU A 537 -32.74 -14.05 -2.17
C GLU A 537 -31.50 -14.62 -1.49
N ALA A 538 -31.14 -13.98 -0.39
CA ALA A 538 -30.14 -14.48 0.54
C ALA A 538 -30.84 -14.73 1.89
N PHE A 539 -30.50 -15.82 2.54
CA PHE A 539 -31.22 -16.19 3.80
C PHE A 539 -30.40 -15.92 5.05
N ASP A 540 -31.03 -15.29 6.05
CA ASP A 540 -30.47 -15.16 7.40
C ASP A 540 -30.53 -16.54 8.03
N ILE A 541 -29.39 -17.13 8.37
CA ILE A 541 -29.37 -18.54 8.85
C ILE A 541 -29.96 -18.68 10.25
N ASN A 542 -30.20 -17.58 10.95
CA ASN A 542 -30.79 -17.64 12.29
C ASN A 542 -32.16 -18.35 12.32
N LYS A 543 -32.95 -18.20 11.26
CA LYS A 543 -34.23 -18.87 11.21
C LYS A 543 -34.05 -20.39 11.28
N LEU A 544 -33.18 -20.92 10.46
CA LEU A 544 -32.87 -22.36 10.48
C LEU A 544 -32.30 -22.75 11.86
N ILE A 545 -31.38 -21.94 12.37
CA ILE A 545 -30.79 -22.25 13.68
C ILE A 545 -31.88 -22.30 14.78
N ARG A 546 -32.78 -21.31 14.79
CA ARG A 546 -33.86 -21.25 15.79
C ARG A 546 -34.79 -22.47 15.67
N ASP A 547 -35.20 -22.78 14.44
CA ASP A 547 -36.12 -23.90 14.17
C ASP A 547 -35.54 -25.25 14.53
N THR A 548 -34.34 -25.53 14.06
CA THR A 548 -33.69 -26.78 14.29
C THR A 548 -33.44 -26.98 15.78
N ASN A 549 -33.10 -25.91 16.51
CA ASN A 549 -32.74 -26.10 17.94
C ASN A 549 -33.80 -25.69 18.96
N SER A 550 -34.98 -25.32 18.48
CA SER A 550 -36.12 -24.91 19.29
C SER A 550 -35.79 -23.80 20.26
N ILE A 551 -35.07 -22.79 19.77
CA ILE A 551 -34.58 -21.71 20.60
C ILE A 551 -35.69 -20.65 20.80
N LYS A 552 -35.82 -20.14 22.03
CA LYS A 552 -36.86 -19.14 22.37
C LYS A 552 -36.35 -17.71 22.59
N TYR A 553 -35.18 -17.57 23.17
CA TYR A 553 -34.63 -16.25 23.43
C TYR A 553 -33.91 -15.76 22.14
N LYS A 554 -33.55 -14.51 22.13
CA LYS A 554 -32.85 -13.92 21.01
C LYS A 554 -31.51 -14.63 20.77
N LEU A 555 -31.13 -14.78 19.51
CA LEU A 555 -29.86 -15.43 19.16
CA LEU A 555 -29.87 -15.44 19.16
C LEU A 555 -28.64 -14.51 19.36
N PRO A 556 -27.46 -15.10 19.59
CA PRO A 556 -26.26 -14.30 19.67
C PRO A 556 -25.99 -13.47 18.37
N VAL A 557 -25.29 -12.37 18.58
CA VAL A 557 -24.71 -11.52 17.56
C VAL A 557 -23.43 -12.20 17.01
N HIS A 558 -23.51 -12.72 15.80
CA HIS A 558 -22.42 -13.49 15.19
C HIS A 558 -21.35 -12.54 14.61
N THR A 559 -20.10 -12.80 14.95
CA THR A 559 -19.02 -11.99 14.49
C THR A 559 -17.98 -12.71 13.64
N GLU A 560 -18.09 -14.05 13.54
CA GLU A 560 -17.13 -14.84 12.76
C GLU A 560 -17.79 -16.12 12.35
N ILE A 561 -17.48 -16.59 11.14
CA ILE A 561 -17.92 -17.89 10.67
C ILE A 561 -16.72 -18.67 10.15
N SER A 562 -16.66 -19.97 10.47
CA SER A 562 -15.56 -20.82 9.97
C SER A 562 -16.07 -22.24 9.81
N TRP A 563 -16.01 -22.75 8.57
CA TRP A 563 -16.38 -24.14 8.23
C TRP A 563 -15.20 -25.02 8.43
N LYS A 564 -15.44 -26.15 9.07
CA LYS A 564 -14.47 -27.23 9.12
C LYS A 564 -14.13 -27.65 7.67
N ALA A 565 -12.89 -28.12 7.47
CA ALA A 565 -12.36 -28.46 6.14
C ALA A 565 -13.17 -29.57 5.44
N ASP A 566 -13.75 -30.49 6.21
CA ASP A 566 -14.64 -31.52 5.60
C ASP A 566 -16.07 -31.01 5.18
N GLY A 567 -16.41 -29.75 5.47
CA GLY A 567 -17.72 -29.23 5.12
C GLY A 567 -18.87 -29.75 5.94
N LYS A 568 -18.58 -30.40 7.07
CA LYS A 568 -19.64 -31.02 7.87
C LYS A 568 -20.03 -30.21 9.12
N ILE A 569 -19.15 -29.31 9.54
CA ILE A 569 -19.31 -28.55 10.79
C ILE A 569 -19.08 -27.08 10.53
N MET A 570 -20.01 -26.24 10.98
CA MET A 570 -19.86 -24.75 10.92
C MET A 570 -19.62 -24.25 12.37
N ALA A 571 -18.61 -23.40 12.54
CA ALA A 571 -18.38 -22.71 13.81
C ALA A 571 -18.80 -21.23 13.64
N LEU A 572 -19.59 -20.72 14.58
CA LEU A 572 -19.86 -19.28 14.69
C LEU A 572 -19.28 -18.74 15.96
N GLY A 573 -18.49 -17.69 15.84
CA GLY A 573 -18.03 -16.91 16.96
C GLY A 573 -18.94 -15.72 17.15
N ASN A 574 -19.15 -15.32 18.40
CA ASN A 574 -20.11 -14.31 18.76
C ASN A 574 -19.53 -13.13 19.53
N GLU A 575 -20.33 -12.08 19.60
CA GLU A 575 -19.96 -10.83 20.26
C GLU A 575 -19.66 -11.05 21.73
N ASP A 576 -20.38 -11.99 22.36
CA ASP A 576 -20.17 -12.26 23.79
C ASP A 576 -18.99 -13.19 24.08
N GLY A 577 -18.21 -13.53 23.04
CA GLY A 577 -17.06 -14.40 23.21
C GLY A 577 -17.34 -15.86 22.99
N SER A 578 -18.59 -16.31 23.05
CA SER A 578 -18.89 -17.73 22.80
C SER A 578 -18.63 -18.15 21.33
N ILE A 579 -18.34 -19.46 21.15
CA ILE A 579 -18.25 -20.08 19.86
C ILE A 579 -19.17 -21.28 19.84
N GLU A 580 -20.05 -21.33 18.85
CA GLU A 580 -21.03 -22.41 18.71
C GLU A 580 -20.72 -23.27 17.51
N ILE A 581 -20.91 -24.58 17.69
CA ILE A 581 -20.53 -25.61 16.73
C ILE A 581 -21.78 -26.30 16.22
N PHE A 582 -22.03 -26.17 14.93
CA PHE A 582 -23.23 -26.67 14.30
C PHE A 582 -22.91 -27.77 13.27
N GLN A 583 -23.75 -28.78 13.20
CA GLN A 583 -23.57 -29.92 12.29
CA GLN A 583 -23.56 -29.90 12.27
C GLN A 583 -24.56 -29.83 11.13
N ILE A 584 -24.13 -30.20 9.93
CA ILE A 584 -25.06 -30.37 8.78
C ILE A 584 -26.00 -31.55 9.09
N PRO A 585 -27.19 -31.62 8.48
CA PRO A 585 -27.66 -30.76 7.38
C PRO A 585 -28.43 -29.51 7.79
N ASN A 586 -28.85 -29.45 9.06
CA ASN A 586 -29.82 -28.48 9.50
C ASN A 586 -29.29 -27.48 10.55
N LEU A 587 -27.95 -27.49 10.76
CA LEU A 587 -27.28 -26.64 11.75
C LEU A 587 -27.82 -26.92 13.15
N LYS A 588 -27.83 -28.20 13.48
CA LYS A 588 -28.09 -28.67 14.84
CA LYS A 588 -28.08 -28.68 14.85
C LYS A 588 -26.88 -28.29 15.72
N LEU A 589 -27.16 -27.62 16.83
CA LEU A 589 -26.12 -27.18 17.74
C LEU A 589 -25.62 -28.37 18.52
N ILE A 590 -24.32 -28.66 18.44
CA ILE A 590 -23.76 -29.77 19.26
C ILE A 590 -22.84 -29.33 20.36
N CYS A 591 -22.28 -28.11 20.27
CA CYS A 591 -21.34 -27.65 21.28
C CYS A 591 -21.33 -26.13 21.40
N THR A 592 -21.25 -25.62 22.62
CA THR A 592 -20.95 -24.20 22.89
C THR A 592 -19.64 -24.17 23.66
N ILE A 593 -18.66 -23.41 23.14
CA ILE A 593 -17.37 -23.21 23.77
C ILE A 593 -17.40 -21.85 24.40
N GLN A 594 -17.30 -21.81 25.73
CA GLN A 594 -17.30 -20.54 26.47
C GLN A 594 -15.90 -20.39 27.06
N GLN A 595 -15.07 -19.60 26.37
CA GLN A 595 -13.62 -19.47 26.72
C GLN A 595 -13.22 -18.04 26.61
N HIS A 596 -13.44 -17.44 25.45
CA HIS A 596 -13.25 -16.01 25.28
C HIS A 596 -14.38 -15.31 26.01
N HIS A 597 -14.12 -14.10 26.48
CA HIS A 597 -15.18 -13.27 27.09
C HIS A 597 -15.41 -11.98 26.36
N LYS A 598 -14.86 -11.86 25.16
CA LYS A 598 -15.03 -10.66 24.34
C LYS A 598 -15.20 -11.11 22.89
N LEU A 599 -15.58 -10.16 22.03
CA LEU A 599 -15.98 -10.44 20.63
C LEU A 599 -14.96 -11.35 19.92
N VAL A 600 -15.42 -12.41 19.28
CA VAL A 600 -14.56 -13.29 18.50
C VAL A 600 -14.25 -12.73 17.12
N ASN A 601 -12.97 -12.55 16.83
CA ASN A 601 -12.52 -11.99 15.58
C ASN A 601 -12.13 -13.02 14.51
N THR A 602 -11.68 -14.19 14.94
CA THR A 602 -11.07 -15.14 14.01
C THR A 602 -11.19 -16.55 14.58
N ILE A 603 -11.53 -17.50 13.71
CA ILE A 603 -11.57 -18.94 13.96
C ILE A 603 -10.94 -19.62 12.77
N SER A 604 -10.12 -20.64 13.01
CA SER A 604 -9.54 -21.45 11.93
C SER A 604 -9.39 -22.90 12.35
N TRP A 605 -9.87 -23.78 11.50
CA TRP A 605 -9.78 -25.24 11.70
C TRP A 605 -8.51 -25.75 11.03
N HIS A 606 -7.80 -26.63 11.73
CA HIS A 606 -6.60 -27.27 11.22
C HIS A 606 -6.90 -28.07 9.96
N HIS A 607 -5.92 -28.08 9.06
CA HIS A 607 -6.04 -28.80 7.79
C HIS A 607 -6.08 -30.34 8.00
N GLU A 608 -6.39 -31.05 6.91
CA GLU A 608 -6.61 -32.53 6.89
C GLU A 608 -5.41 -33.38 6.39
N HIS A 609 -4.37 -32.73 5.92
CA HIS A 609 -3.16 -33.43 5.40
C HIS A 609 -1.94 -33.51 6.37
N GLY A 610 -2.18 -33.41 7.69
CA GLY A 610 -1.13 -33.56 8.68
C GLY A 610 -0.73 -35.02 8.82
N SER A 611 0.21 -35.29 9.72
CA SER A 611 0.68 -36.65 9.99
C SER A 611 -0.36 -37.53 10.74
N GLN A 612 -1.28 -36.93 11.50
CA GLN A 612 -2.34 -37.68 12.21
C GLN A 612 -3.74 -37.14 11.82
N PRO A 613 -4.72 -38.06 11.62
CA PRO A 613 -6.15 -37.74 11.37
C PRO A 613 -6.77 -36.81 12.45
N GLU A 614 -6.46 -37.06 13.73
CA GLU A 614 -6.97 -36.27 14.89
C GLU A 614 -6.80 -34.74 14.76
N LEU A 615 -5.78 -34.28 14.04
CA LEU A 615 -5.48 -32.84 13.92
C LEU A 615 -6.58 -32.01 13.26
N SER A 616 -7.35 -32.58 12.34
CA SER A 616 -8.42 -31.82 11.66
C SER A 616 -9.60 -31.39 12.60
N TYR A 617 -9.60 -31.88 13.84
CA TYR A 617 -10.57 -31.46 14.87
C TYR A 617 -10.11 -30.28 15.71
N LEU A 618 -8.89 -29.79 15.45
CA LEU A 618 -8.34 -28.71 16.24
C LEU A 618 -8.90 -27.39 15.70
N MET A 619 -9.35 -26.52 16.59
CA MET A 619 -9.90 -25.22 16.16
C MET A 619 -9.27 -24.13 16.96
N ALA A 620 -8.56 -23.20 16.29
CA ALA A 620 -7.92 -22.09 16.96
C ALA A 620 -8.86 -20.88 16.92
N SER A 621 -8.81 -20.02 17.93
CA SER A 621 -9.64 -18.83 17.93
C SER A 621 -9.00 -17.65 18.66
N GLY A 622 -9.32 -16.46 18.17
CA GLY A 622 -8.90 -15.22 18.78
C GLY A 622 -10.01 -14.20 18.94
N SER A 623 -9.88 -13.36 19.97
CA SER A 623 -10.88 -12.39 20.37
C SER A 623 -10.27 -11.07 20.63
N ASN A 624 -11.05 -10.16 21.19
CA ASN A 624 -10.53 -8.86 21.63
C ASN A 624 -9.58 -8.91 22.83
N ASN A 625 -9.54 -10.04 23.49
CA ASN A 625 -8.49 -10.34 24.46
C ASN A 625 -7.24 -10.89 23.73
N ALA A 626 -6.09 -10.76 24.39
CA ALA A 626 -4.80 -11.12 23.79
C ALA A 626 -4.52 -12.63 23.75
N VAL A 627 -5.11 -13.39 24.68
CA VAL A 627 -4.81 -14.82 24.80
C VAL A 627 -5.56 -15.59 23.73
N ILE A 628 -4.86 -16.55 23.10
CA ILE A 628 -5.42 -17.34 22.03
C ILE A 628 -5.74 -18.74 22.57
N TYR A 629 -6.83 -19.34 22.09
CA TYR A 629 -7.20 -20.71 22.46
C TYR A 629 -7.23 -21.67 21.29
N VAL A 630 -6.94 -22.93 21.58
CA VAL A 630 -7.19 -24.05 20.71
C VAL A 630 -8.13 -25.00 21.44
N HIS A 631 -9.16 -25.50 20.75
CA HIS A 631 -10.07 -26.50 21.28
C HIS A 631 -9.99 -27.69 20.36
N ASN A 632 -10.22 -28.87 20.93
CA ASN A 632 -10.14 -30.14 20.23
C ASN A 632 -11.50 -30.73 20.26
N LEU A 633 -12.16 -30.71 19.10
CA LEU A 633 -13.58 -31.04 19.04
C LEU A 633 -13.87 -32.49 18.57
N LYS A 634 -12.87 -33.37 18.62
CA LYS A 634 -13.05 -34.77 18.19
C LYS A 634 -14.16 -35.50 18.99
N THR A 635 -14.01 -35.50 20.31
CA THR A 635 -14.92 -36.25 21.20
C THR A 635 -16.38 -35.82 20.96
N VAL A 636 -16.65 -34.52 21.03
CA VAL A 636 -18.05 -34.04 20.86
C VAL A 636 -18.63 -34.29 19.47
N ILE A 637 -17.82 -34.05 18.44
CA ILE A 637 -18.27 -34.25 17.05
C ILE A 637 -18.54 -35.75 16.80
N GLU A 638 -17.64 -36.62 17.27
CA GLU A 638 -17.77 -38.09 17.03
C GLU A 638 -18.94 -38.71 17.82
N SER A 639 -19.24 -38.15 19.01
CA SER A 639 -20.42 -38.59 19.79
C SER A 639 -21.78 -38.06 19.29
N SER A 640 -21.78 -37.17 18.30
CA SER A 640 -23.00 -36.49 17.78
C SER A 640 -24.15 -36.36 18.81
N PRO A 641 -23.95 -35.56 19.88
CA PRO A 641 -24.92 -35.55 20.98
C PRO A 641 -26.32 -35.00 20.61
N GLU A 642 -27.33 -35.57 21.26
CA GLU A 642 -28.74 -35.23 21.03
C GLU A 642 -29.10 -33.89 21.65
N SER A 643 -28.43 -33.56 22.77
CA SER A 643 -28.46 -32.18 23.30
C SER A 643 -27.02 -31.61 23.44
N PRO A 644 -26.87 -30.31 23.19
CA PRO A 644 -25.52 -29.70 23.11
C PRO A 644 -24.70 -29.79 24.40
N VAL A 645 -23.38 -29.96 24.25
CA VAL A 645 -22.41 -30.00 25.34
C VAL A 645 -21.82 -28.59 25.50
N THR A 646 -21.46 -28.16 26.70
CA THR A 646 -20.71 -26.89 26.90
C THR A 646 -19.27 -27.20 27.27
N ILE A 647 -18.31 -26.55 26.60
CA ILE A 647 -16.87 -26.74 26.88
C ILE A 647 -16.39 -25.47 27.51
N THR A 648 -15.69 -25.56 28.63
CA THR A 648 -15.20 -24.39 29.36
C THR A 648 -13.71 -24.45 29.71
N GLU A 649 -12.99 -25.44 29.19
CA GLU A 649 -11.56 -25.56 29.40
C GLU A 649 -10.91 -25.67 28.02
N PRO A 650 -9.80 -24.95 27.82
CA PRO A 650 -9.14 -25.06 26.50
C PRO A 650 -8.34 -26.35 26.36
N TYR A 651 -8.17 -26.78 25.12
CA TYR A 651 -7.21 -27.83 24.82
C TYR A 651 -5.77 -27.28 24.93
N ARG A 652 -5.51 -26.13 24.30
CA ARG A 652 -4.23 -25.41 24.49
C ARG A 652 -4.47 -23.93 24.62
N THR A 653 -3.53 -23.25 25.26
CA THR A 653 -3.61 -21.82 25.55
C THR A 653 -2.32 -21.19 25.07
N LEU A 654 -2.44 -20.11 24.30
CA LEU A 654 -1.28 -19.45 23.72
C LEU A 654 -1.25 -18.02 24.16
N SER A 655 -0.45 -17.72 25.19
CA SER A 655 -0.30 -16.39 25.79
C SER A 655 0.98 -15.77 25.38
N GLY A 656 0.95 -14.44 25.26
CA GLY A 656 2.13 -13.69 24.86
C GLY A 656 1.79 -12.38 24.21
N HIS A 657 0.71 -12.34 23.39
CA HIS A 657 0.35 -11.09 22.80
C HIS A 657 -0.14 -10.13 23.88
N THR A 658 -0.13 -8.86 23.56
CA THR A 658 -0.55 -7.81 24.51
C THR A 658 -1.71 -6.97 24.02
N ALA A 659 -2.39 -7.42 22.95
CA ALA A 659 -3.58 -6.73 22.43
C ALA A 659 -4.40 -7.66 21.52
N LYS A 660 -5.55 -7.17 21.04
CA LYS A 660 -6.49 -8.03 20.34
C LYS A 660 -5.91 -8.86 19.18
N ILE A 661 -6.48 -10.03 18.99
CA ILE A 661 -6.06 -10.97 17.96
C ILE A 661 -7.07 -10.81 16.84
N THR A 662 -6.58 -10.35 15.69
CA THR A 662 -7.43 -10.17 14.48
C THR A 662 -7.50 -11.38 13.53
N SER A 663 -6.51 -12.25 13.57
CA SER A 663 -6.43 -13.35 12.59
C SER A 663 -5.52 -14.44 13.07
N VAL A 664 -5.94 -15.68 12.91
CA VAL A 664 -5.06 -16.87 13.14
C VAL A 664 -5.15 -17.82 11.93
N ALA A 665 -4.05 -18.53 11.63
CA ALA A 665 -4.00 -19.39 10.48
C ALA A 665 -3.05 -20.56 10.80
N TRP A 666 -3.45 -21.78 10.42
CA TRP A 666 -2.59 -22.96 10.61
C TRP A 666 -1.63 -23.12 9.42
N SER A 667 -0.42 -23.60 9.69
CA SER A 667 0.52 -23.87 8.61
C SER A 667 0.07 -25.08 7.85
N PRO A 668 -0.04 -24.97 6.51
CA PRO A 668 -0.28 -26.20 5.72
C PRO A 668 0.93 -27.16 5.69
N HIS A 669 2.10 -26.71 6.16
CA HIS A 669 3.36 -27.51 6.10
C HIS A 669 3.72 -28.27 7.36
N HIS A 670 2.91 -28.15 8.42
CA HIS A 670 3.28 -28.65 9.72
C HIS A 670 2.05 -29.24 10.40
N ASP A 671 2.31 -29.95 11.50
CA ASP A 671 1.28 -30.37 12.42
C ASP A 671 1.24 -29.33 13.54
N GLY A 672 0.10 -28.68 13.76
CA GLY A 672 -0.09 -27.90 14.97
C GLY A 672 0.72 -26.63 15.06
N ARG A 673 1.06 -26.02 13.90
CA ARG A 673 1.78 -24.76 13.91
C ARG A 673 0.86 -23.63 13.48
N LEU A 674 0.73 -22.62 14.35
CA LEU A 674 -0.24 -21.52 14.20
C LEU A 674 0.50 -20.26 14.04
N VAL A 675 0.02 -19.37 13.16
CA VAL A 675 0.45 -17.98 13.15
C VAL A 675 -0.72 -17.11 13.55
N SER A 676 -0.44 -16.07 14.35
CA SER A 676 -1.40 -15.10 14.84
C SER A 676 -1.00 -13.67 14.51
N ALA A 677 -1.99 -12.86 14.17
CA ALA A 677 -1.79 -11.40 13.96
C ALA A 677 -2.47 -10.63 15.09
N SER A 678 -1.79 -9.59 15.60
CA SER A 678 -2.24 -8.81 16.72
C SER A 678 -2.19 -7.30 16.53
N TYR A 679 -3.11 -6.64 17.21
CA TYR A 679 -3.06 -5.21 17.40
C TYR A 679 -1.79 -4.72 18.19
N ASP A 680 -1.07 -5.65 18.79
CA ASP A 680 0.22 -5.31 19.43
C ASP A 680 1.35 -5.03 18.42
N GLY A 681 1.02 -5.08 17.11
CA GLY A 681 1.98 -4.77 16.03
C GLY A 681 2.88 -5.91 15.62
N THR A 682 2.59 -7.12 16.09
CA THR A 682 3.41 -8.28 15.75
C THR A 682 2.59 -9.44 15.27
N ALA A 683 3.26 -10.31 14.53
CA ALA A 683 2.78 -11.67 14.22
C ALA A 683 3.59 -12.68 14.98
N GLN A 684 2.93 -13.71 15.50
CA GLN A 684 3.57 -14.75 16.29
C GLN A 684 3.33 -16.12 15.74
N VAL A 685 4.40 -16.87 15.56
CA VAL A 685 4.33 -18.28 15.11
C VAL A 685 4.45 -19.11 16.41
N TRP A 686 3.57 -20.10 16.55
CA TRP A 686 3.50 -20.94 17.73
C TRP A 686 3.54 -22.41 17.33
N ASP A 687 4.23 -23.23 18.14
CA ASP A 687 3.94 -24.65 18.20
C ASP A 687 2.76 -24.80 19.18
N ALA A 688 1.54 -24.87 18.62
CA ALA A 688 0.31 -24.83 19.42
C ALA A 688 0.19 -26.04 20.32
N LEU A 689 0.57 -27.19 19.78
CA LEU A 689 0.54 -28.43 20.57
C LEU A 689 1.48 -28.43 21.77
N ARG A 690 2.63 -27.74 21.70
CA ARG A 690 3.51 -27.61 22.86
C ARG A 690 3.37 -26.27 23.63
N GLU A 691 2.41 -25.42 23.23
CA GLU A 691 2.24 -24.08 23.78
C GLU A 691 3.53 -23.26 23.78
N GLU A 692 4.21 -23.30 22.66
CA GLU A 692 5.57 -22.77 22.60
C GLU A 692 5.67 -21.64 21.56
N PRO A 693 5.93 -20.40 22.01
CA PRO A 693 6.13 -19.34 20.99
C PRO A 693 7.48 -19.53 20.30
N LEU A 694 7.48 -19.50 18.96
CA LEU A 694 8.71 -19.80 18.16
C LEU A 694 9.36 -18.56 17.56
N CYS A 695 8.54 -17.69 16.98
CA CYS A 695 9.05 -16.66 16.13
C CYS A 695 8.08 -15.47 16.12
N ASN A 696 8.60 -14.26 16.37
CA ASN A 696 7.82 -13.03 16.43
C ASN A 696 8.32 -12.05 15.34
N PHE A 697 7.42 -11.65 14.42
CA PHE A 697 7.73 -10.70 13.34
C PHE A 697 7.30 -9.29 13.78
N ARG A 698 8.23 -8.36 13.72
CA ARG A 698 8.02 -6.99 14.23
C ARG A 698 8.18 -5.93 13.17
N GLY A 699 8.16 -6.36 11.92
CA GLY A 699 8.41 -5.43 10.81
C GLY A 699 7.32 -4.40 10.51
N HIS A 700 6.07 -4.67 10.92
CA HIS A 700 5.02 -3.71 10.69
C HIS A 700 5.16 -2.54 11.66
N GLN A 701 4.75 -1.37 11.23
CA GLN A 701 4.60 -0.20 12.10
C GLN A 701 3.21 -0.11 12.69
N GLY A 702 2.25 -0.79 12.07
CA GLY A 702 0.84 -0.67 12.43
C GLY A 702 0.33 -1.88 13.16
N ARG A 703 -0.99 -1.93 13.25
CA ARG A 703 -1.70 -3.01 13.90
C ARG A 703 -2.10 -4.02 12.84
N LEU A 704 -1.76 -5.28 13.06
CA LEU A 704 -2.00 -6.35 12.07
C LEU A 704 -3.48 -6.75 12.01
N LEU A 705 -3.97 -6.92 10.77
CA LEU A 705 -5.33 -7.28 10.48
C LEU A 705 -5.51 -8.66 9.83
N CYS A 706 -4.45 -9.21 9.27
CA CYS A 706 -4.53 -10.48 8.51
C CYS A 706 -3.17 -11.11 8.37
N VAL A 707 -3.17 -12.43 8.22
CA VAL A 707 -1.95 -13.20 8.10
C VAL A 707 -2.27 -14.45 7.26
N ALA A 708 -1.33 -14.92 6.45
CA ALA A 708 -1.57 -16.14 5.67
C ALA A 708 -0.22 -16.81 5.45
N TRP A 709 -0.16 -18.11 5.65
CA TRP A 709 1.09 -18.89 5.36
C TRP A 709 1.33 -18.96 3.84
N SER A 710 2.58 -18.85 3.40
CA SER A 710 2.85 -19.05 1.97
C SER A 710 2.53 -20.52 1.61
N PRO A 711 2.02 -20.75 0.40
CA PRO A 711 1.65 -22.15 0.07
C PRO A 711 2.84 -23.10 -0.20
N LEU A 712 3.98 -22.59 -0.65
CA LEU A 712 5.14 -23.45 -1.02
C LEU A 712 6.32 -23.37 -0.08
N ASP A 713 6.46 -22.28 0.66
CA ASP A 713 7.61 -22.13 1.56
C ASP A 713 7.20 -22.23 3.03
N PRO A 714 7.61 -23.32 3.71
CA PRO A 714 7.28 -23.49 5.12
C PRO A 714 7.77 -22.34 6.04
N ASP A 715 8.79 -21.63 5.58
CA ASP A 715 9.46 -20.55 6.31
C ASP A 715 8.83 -19.17 6.08
N CYS A 716 7.92 -19.08 5.12
CA CYS A 716 7.45 -17.80 4.62
C CYS A 716 5.97 -17.53 4.94
N ILE A 717 5.73 -16.34 5.49
CA ILE A 717 4.39 -15.90 5.91
C ILE A 717 4.14 -14.46 5.33
N TYR A 718 2.89 -14.17 4.96
CA TYR A 718 2.43 -12.81 4.60
C TYR A 718 1.52 -12.25 5.68
N SER A 719 1.71 -10.98 6.00
CA SER A 719 0.86 -10.28 6.94
C SER A 719 0.50 -8.87 6.38
N GLY A 720 -0.71 -8.41 6.69
CA GLY A 720 -1.23 -7.11 6.30
C GLY A 720 -1.66 -6.30 7.53
N ALA A 721 -1.51 -4.98 7.47
CA ALA A 721 -1.76 -4.12 8.62
C ALA A 721 -2.37 -2.79 8.26
N ASP A 722 -2.75 -2.05 9.31
CA ASP A 722 -3.27 -0.69 9.13
C ASP A 722 -2.19 0.38 8.90
N ASP A 723 -0.95 -0.07 8.70
CA ASP A 723 0.14 0.75 8.16
C ASP A 723 0.19 0.78 6.63
N PHE A 724 -0.81 0.22 5.96
CA PHE A 724 -0.93 0.19 4.49
C PHE A 724 0.15 -0.70 3.83
N CYS A 725 0.68 -1.68 4.58
CA CYS A 725 1.72 -2.55 4.10
C CYS A 725 1.30 -4.00 4.10
N VAL A 726 1.79 -4.73 3.11
CA VAL A 726 1.80 -6.19 3.18
C VAL A 726 3.26 -6.58 3.17
N HIS A 727 3.66 -7.33 4.19
CA HIS A 727 5.04 -7.89 4.28
C HIS A 727 5.02 -9.41 4.02
N LYS A 728 5.97 -9.85 3.19
CA LYS A 728 6.34 -11.26 3.06
C LYS A 728 7.64 -11.42 3.86
N TRP A 729 7.63 -12.28 4.87
CA TRP A 729 8.77 -12.44 5.77
C TRP A 729 9.07 -13.87 6.07
N LEU A 730 10.33 -14.11 6.49
CA LEU A 730 10.85 -15.44 6.71
CA LEU A 730 10.86 -15.45 6.70
C LEU A 730 11.03 -15.69 8.20
N THR A 731 10.47 -16.78 8.71
CA THR A 731 10.59 -17.08 10.14
C THR A 731 12.09 -17.21 10.49
N SER A 732 12.86 -17.75 9.56
CA SER A 732 14.31 -17.95 9.77
C SER A 732 15.16 -16.65 9.95
N MET A 733 14.61 -15.49 9.57
CA MET A 733 15.33 -14.21 9.64
C MET A 733 14.91 -13.33 10.81
N GLN A 734 13.99 -13.80 11.63
CA GLN A 734 13.49 -12.98 12.72
C GLN A 734 14.33 -13.34 13.94
N ASP A 735 14.67 -12.35 14.74
CA ASP A 735 15.55 -12.59 15.90
C ASP A 735 14.83 -12.51 17.25
N HIS A 736 13.48 -12.45 17.27
CA HIS A 736 12.73 -12.65 18.53
C HIS A 736 11.86 -13.90 18.48
N SER A 737 11.61 -14.49 19.65
CA SER A 737 10.87 -15.75 19.73
C SER A 737 9.43 -15.54 20.20
N ARG A 738 9.16 -14.39 20.81
CA ARG A 738 7.86 -14.12 21.48
C ARG A 738 7.54 -12.62 21.36
N PRO A 739 6.28 -12.22 21.56
CA PRO A 739 5.96 -10.80 21.41
C PRO A 739 6.58 -9.92 22.51
N PRO A 740 6.72 -8.62 22.26
CA PRO A 740 7.18 -7.76 23.37
C PRO A 740 6.27 -7.85 24.63
N GLN A 741 6.87 -7.78 25.83
CA GLN A 741 6.10 -7.90 27.09
C GLN A 741 5.37 -6.61 27.42
N GLY A 742 5.92 -5.45 27.00
CA GLY A 742 5.35 -4.13 27.33
C GLY A 742 4.28 -3.68 26.36
#